data_2FCF
# 
_entry.id   2FCF 
# 
_audit_conform.dict_name       mmcif_pdbx.dic 
_audit_conform.dict_version    5.377 
_audit_conform.dict_location   http://mmcif.pdb.org/dictionaries/ascii/mmcif_pdbx.dic 
# 
loop_
_database_2.database_id 
_database_2.database_code 
_database_2.pdbx_database_accession 
_database_2.pdbx_DOI 
PDB   2FCF         pdb_00002fcf 10.2210/pdb2fcf/pdb 
RCSB  RCSB035712   ?            ?                   
WWPDB D_1000035712 ?            ?                   
# 
_pdbx_database_status.status_code                     REL 
_pdbx_database_status.entry_id                        2FCF 
_pdbx_database_status.recvd_initial_deposition_date   2005-12-12 
_pdbx_database_status.deposit_site                    RCSB 
_pdbx_database_status.process_site                    RCSB 
_pdbx_database_status.status_code_sf                  REL 
_pdbx_database_status.status_code_mr                  ? 
_pdbx_database_status.SG_entry                        Y 
_pdbx_database_status.pdb_format_compatible           Y 
_pdbx_database_status.status_code_cs                  ? 
_pdbx_database_status.status_code_nmr_data            ? 
_pdbx_database_status.methods_development_category    ? 
# 
loop_
_audit_author.name 
_audit_author.pdbx_ordinal 
'Papagrigoriou, E.'                    1  
'Berridge, G.'                         2  
'Johansson, C.'                        3  
'Colebrook, S.'                        4  
'Salah, E.'                            5  
'Burgess, N.'                          6  
'Smee, C.'                             7  
'Savitsky, P.'                         8  
'Bray, J.'                             9  
'Schoch, G.'                           10 
'Phillips, C.'                         11 
'Gileadi, C.'                          12 
'Soundarajan, M.'                      13 
'Yang, X.'                             14 
'Elkins, J.M.'                         15 
'Gorrec, F.'                           16 
'Turnbull, A.'                         17 
'Edwards, A.'                          18 
'Arrowsmith, C.'                       19 
'Weigelt, J.'                          20 
'Sundstrom, M.'                        21 
'Doyle, D.A.'                          22 
'Structural Genomics Consortium (SGC)' 23 
# 
_citation.id                        primary 
_citation.title                     
'Structure of PICK1 and other PDZ domains obtained with the help of self-binding C-terminal extensions.' 
_citation.journal_abbrev            'Protein Sci.' 
_citation.journal_volume            16 
_citation.page_first                683 
_citation.page_last                 694 
_citation.year                      2007 
_citation.journal_id_ASTM           PRCIEI 
_citation.country                   US 
_citation.journal_id_ISSN           0961-8368 
_citation.journal_id_CSD            0795 
_citation.book_publisher            ? 
_citation.pdbx_database_id_PubMed   17384233 
_citation.pdbx_database_id_DOI      10.1110/ps.062657507 
# 
loop_
_citation_author.citation_id 
_citation_author.name 
_citation_author.ordinal 
_citation_author.identifier_ORCID 
primary 'Elkins, J.M.'      1 ? 
primary 'Papagrigoriou, E.' 2 ? 
primary 'Berridge, G.'      3 ? 
primary 'Yang, X.'          4 ? 
primary 'Phillips, C.'      5 ? 
primary 'Gileadi, C.'       6 ? 
primary 'Savitsky, P.'      7 ? 
primary 'Doyle, D.A.'       8 ? 
# 
_cell.entry_id           2FCF 
_cell.length_a           43.122 
_cell.length_b           43.801 
_cell.length_c           50.167 
_cell.angle_alpha        90.00 
_cell.angle_beta         90.00 
_cell.angle_gamma        90.00 
_cell.Z_PDB              4 
_cell.pdbx_unique_axis   ? 
_cell.length_a_esd       ? 
_cell.length_b_esd       ? 
_cell.length_c_esd       ? 
_cell.angle_alpha_esd    ? 
_cell.angle_beta_esd     ? 
_cell.angle_gamma_esd    ? 
# 
_symmetry.entry_id                         2FCF 
_symmetry.space_group_name_H-M             'P 21 21 21' 
_symmetry.pdbx_full_space_group_name_H-M   ? 
_symmetry.cell_setting                     ? 
_symmetry.Int_Tables_number                19 
_symmetry.space_group_name_Hall            ? 
# 
loop_
_entity.id 
_entity.type 
_entity.src_method 
_entity.pdbx_description 
_entity.formula_weight 
_entity.pdbx_number_of_molecules 
_entity.pdbx_ec 
_entity.pdbx_mutation 
_entity.pdbx_fragment 
_entity.details 
1 polymer man 'Multiple PDZ domain protein' 11269.983 1  ? ? 'PDZ 7 domain' ? 
2 water   nat water                         18.015    39 ? ? ?              ? 
# 
_entity_name_com.entity_id   1 
_entity_name_com.name        'Multi PDZ domain protein 1, Multi-PDZ-domain protein 1, MPDZ, MUPP1' 
# 
_entity_poly.entity_id                      1 
_entity_poly.type                           'polypeptide(L)' 
_entity_poly.nstd_linkage                   no 
_entity_poly.nstd_monomer                   no 
_entity_poly.pdbx_seq_one_letter_code       
;QSMQPRRVELWREPSKSLGISIVGGRGMGSRLSNGEVMRGIFIKHVLEDSPAGKNGTLKPGDRIVEVDGMDLRDASHEQA
VEAIRKAGNPVVFMVQSIISTRL
;
_entity_poly.pdbx_seq_one_letter_code_can   
;QSMQPRRVELWREPSKSLGISIVGGRGMGSRLSNGEVMRGIFIKHVLEDSPAGKNGTLKPGDRIVEVDGMDLRDASHEQA
VEAIRKAGNPVVFMVQSIISTRL
;
_entity_poly.pdbx_strand_id                 A 
_entity_poly.pdbx_target_identifier         ? 
# 
loop_
_entity_poly_seq.entity_id 
_entity_poly_seq.num 
_entity_poly_seq.mon_id 
_entity_poly_seq.hetero 
1 1   GLN n 
1 2   SER n 
1 3   MET n 
1 4   GLN n 
1 5   PRO n 
1 6   ARG n 
1 7   ARG n 
1 8   VAL n 
1 9   GLU n 
1 10  LEU n 
1 11  TRP n 
1 12  ARG n 
1 13  GLU n 
1 14  PRO n 
1 15  SER n 
1 16  LYS n 
1 17  SER n 
1 18  LEU n 
1 19  GLY n 
1 20  ILE n 
1 21  SER n 
1 22  ILE n 
1 23  VAL n 
1 24  GLY n 
1 25  GLY n 
1 26  ARG n 
1 27  GLY n 
1 28  MET n 
1 29  GLY n 
1 30  SER n 
1 31  ARG n 
1 32  LEU n 
1 33  SER n 
1 34  ASN n 
1 35  GLY n 
1 36  GLU n 
1 37  VAL n 
1 38  MET n 
1 39  ARG n 
1 40  GLY n 
1 41  ILE n 
1 42  PHE n 
1 43  ILE n 
1 44  LYS n 
1 45  HIS n 
1 46  VAL n 
1 47  LEU n 
1 48  GLU n 
1 49  ASP n 
1 50  SER n 
1 51  PRO n 
1 52  ALA n 
1 53  GLY n 
1 54  LYS n 
1 55  ASN n 
1 56  GLY n 
1 57  THR n 
1 58  LEU n 
1 59  LYS n 
1 60  PRO n 
1 61  GLY n 
1 62  ASP n 
1 63  ARG n 
1 64  ILE n 
1 65  VAL n 
1 66  GLU n 
1 67  VAL n 
1 68  ASP n 
1 69  GLY n 
1 70  MET n 
1 71  ASP n 
1 72  LEU n 
1 73  ARG n 
1 74  ASP n 
1 75  ALA n 
1 76  SER n 
1 77  HIS n 
1 78  GLU n 
1 79  GLN n 
1 80  ALA n 
1 81  VAL n 
1 82  GLU n 
1 83  ALA n 
1 84  ILE n 
1 85  ARG n 
1 86  LYS n 
1 87  ALA n 
1 88  GLY n 
1 89  ASN n 
1 90  PRO n 
1 91  VAL n 
1 92  VAL n 
1 93  PHE n 
1 94  MET n 
1 95  VAL n 
1 96  GLN n 
1 97  SER n 
1 98  ILE n 
1 99  ILE n 
1 100 SER n 
1 101 THR n 
1 102 ARG n 
1 103 LEU n 
# 
_entity_src_gen.entity_id                          1 
_entity_src_gen.pdbx_src_id                        1 
_entity_src_gen.pdbx_alt_source_flag               sample 
_entity_src_gen.pdbx_seq_type                      ? 
_entity_src_gen.pdbx_beg_seq_num                   ? 
_entity_src_gen.pdbx_end_seq_num                   ? 
_entity_src_gen.gene_src_common_name               human 
_entity_src_gen.gene_src_genus                     Homo 
_entity_src_gen.pdbx_gene_src_gene                 'MPDZ, MUPP1' 
_entity_src_gen.gene_src_species                   ? 
_entity_src_gen.gene_src_strain                    ? 
_entity_src_gen.gene_src_tissue                    ? 
_entity_src_gen.gene_src_tissue_fraction           ? 
_entity_src_gen.gene_src_details                   ? 
_entity_src_gen.pdbx_gene_src_fragment             ? 
_entity_src_gen.pdbx_gene_src_scientific_name      'Homo sapiens' 
_entity_src_gen.pdbx_gene_src_ncbi_taxonomy_id     9606 
_entity_src_gen.pdbx_gene_src_variant              ? 
_entity_src_gen.pdbx_gene_src_cell_line            ? 
_entity_src_gen.pdbx_gene_src_atcc                 ? 
_entity_src_gen.pdbx_gene_src_organ                ? 
_entity_src_gen.pdbx_gene_src_organelle            ? 
_entity_src_gen.pdbx_gene_src_cell                 ? 
_entity_src_gen.pdbx_gene_src_cellular_location    ? 
_entity_src_gen.host_org_common_name               ? 
_entity_src_gen.pdbx_host_org_scientific_name      'Escherichia coli BL21' 
_entity_src_gen.pdbx_host_org_ncbi_taxonomy_id     511693 
_entity_src_gen.host_org_genus                     Escherichia 
_entity_src_gen.pdbx_host_org_gene                 ? 
_entity_src_gen.pdbx_host_org_organ                ? 
_entity_src_gen.host_org_species                   'Escherichia coli' 
_entity_src_gen.pdbx_host_org_tissue               ? 
_entity_src_gen.pdbx_host_org_tissue_fraction      ? 
_entity_src_gen.pdbx_host_org_strain               BL21 
_entity_src_gen.pdbx_host_org_variant              ? 
_entity_src_gen.pdbx_host_org_cell_line            ? 
_entity_src_gen.pdbx_host_org_atcc                 ? 
_entity_src_gen.pdbx_host_org_culture_collection   ? 
_entity_src_gen.pdbx_host_org_cell                 ? 
_entity_src_gen.pdbx_host_org_organelle            ? 
_entity_src_gen.pdbx_host_org_cellular_location    ? 
_entity_src_gen.pdbx_host_org_vector_type          plasmid 
_entity_src_gen.pdbx_host_org_vector               ? 
_entity_src_gen.host_org_details                   ? 
_entity_src_gen.expression_system_id               ? 
_entity_src_gen.plasmid_name                       pNIC28-Bsa4 
_entity_src_gen.plasmid_details                    ? 
_entity_src_gen.pdbx_description                   ? 
# 
_struct_ref.id                         1 
_struct_ref.db_name                    UNP 
_struct_ref.db_code                    MPDZ_HUMAN 
_struct_ref.pdbx_db_accession          Q5VZ62 
_struct_ref.entity_id                  1 
_struct_ref.pdbx_seq_one_letter_code   
;QPRRVELWREPSKSLGISIVGGRGMGSRLSNGEVMRGIFIKHVLEDSPAGKNGTLKPGDRIVEVDGMDLRDASHEQAVEA
IRKAGNPVVFMVQSII
;
_struct_ref.pdbx_align_begin           1148 
_struct_ref.pdbx_db_isoform            ? 
# 
_struct_ref_seq.align_id                      1 
_struct_ref_seq.ref_id                        1 
_struct_ref_seq.pdbx_PDB_id_code              2FCF 
_struct_ref_seq.pdbx_strand_id                A 
_struct_ref_seq.seq_align_beg                 4 
_struct_ref_seq.pdbx_seq_align_beg_ins_code   ? 
_struct_ref_seq.seq_align_end                 99 
_struct_ref_seq.pdbx_seq_align_end_ins_code   ? 
_struct_ref_seq.pdbx_db_accession             Q5VZ62 
_struct_ref_seq.db_align_beg                  1148 
_struct_ref_seq.pdbx_db_align_beg_ins_code    ? 
_struct_ref_seq.db_align_end                  1243 
_struct_ref_seq.pdbx_db_align_end_ins_code    ? 
_struct_ref_seq.pdbx_auth_seq_align_beg       1148 
_struct_ref_seq.pdbx_auth_seq_align_end       1243 
# 
loop_
_struct_ref_seq_dif.align_id 
_struct_ref_seq_dif.pdbx_pdb_id_code 
_struct_ref_seq_dif.mon_id 
_struct_ref_seq_dif.pdbx_pdb_strand_id 
_struct_ref_seq_dif.seq_num 
_struct_ref_seq_dif.pdbx_pdb_ins_code 
_struct_ref_seq_dif.pdbx_seq_db_name 
_struct_ref_seq_dif.pdbx_seq_db_accession_code 
_struct_ref_seq_dif.db_mon_id 
_struct_ref_seq_dif.pdbx_seq_db_seq_num 
_struct_ref_seq_dif.details 
_struct_ref_seq_dif.pdbx_auth_seq_num 
_struct_ref_seq_dif.pdbx_ordinal 
1 2FCF GLN A 1   ? UNP Q5VZ62 ? ? 'cloning artifact' 1145 1 
1 2FCF SER A 2   ? UNP Q5VZ62 ? ? 'cloning artifact' 1146 2 
1 2FCF MET A 3   ? UNP Q5VZ62 ? ? 'cloning artifact' 1147 3 
1 2FCF SER A 100 ? UNP Q5VZ62 ? ? 'cloning artifact' 1244 4 
1 2FCF THR A 101 ? UNP Q5VZ62 ? ? 'cloning artifact' 1245 5 
1 2FCF ARG A 102 ? UNP Q5VZ62 ? ? 'cloning artifact' 1246 6 
1 2FCF LEU A 103 ? UNP Q5VZ62 ? ? 'cloning artifact' 1247 7 
# 
loop_
_chem_comp.id 
_chem_comp.type 
_chem_comp.mon_nstd_flag 
_chem_comp.name 
_chem_comp.pdbx_synonyms 
_chem_comp.formula 
_chem_comp.formula_weight 
ALA 'L-peptide linking' y ALANINE         ? 'C3 H7 N O2'     89.093  
ARG 'L-peptide linking' y ARGININE        ? 'C6 H15 N4 O2 1' 175.209 
ASN 'L-peptide linking' y ASPARAGINE      ? 'C4 H8 N2 O3'    132.118 
ASP 'L-peptide linking' y 'ASPARTIC ACID' ? 'C4 H7 N O4'     133.103 
GLN 'L-peptide linking' y GLUTAMINE       ? 'C5 H10 N2 O3'   146.144 
GLU 'L-peptide linking' y 'GLUTAMIC ACID' ? 'C5 H9 N O4'     147.129 
GLY 'peptide linking'   y GLYCINE         ? 'C2 H5 N O2'     75.067  
HIS 'L-peptide linking' y HISTIDINE       ? 'C6 H10 N3 O2 1' 156.162 
HOH non-polymer         . WATER           ? 'H2 O'           18.015  
ILE 'L-peptide linking' y ISOLEUCINE      ? 'C6 H13 N O2'    131.173 
LEU 'L-peptide linking' y LEUCINE         ? 'C6 H13 N O2'    131.173 
LYS 'L-peptide linking' y LYSINE          ? 'C6 H15 N2 O2 1' 147.195 
MET 'L-peptide linking' y METHIONINE      ? 'C5 H11 N O2 S'  149.211 
PHE 'L-peptide linking' y PHENYLALANINE   ? 'C9 H11 N O2'    165.189 
PRO 'L-peptide linking' y PROLINE         ? 'C5 H9 N O2'     115.130 
SER 'L-peptide linking' y SERINE          ? 'C3 H7 N O3'     105.093 
THR 'L-peptide linking' y THREONINE       ? 'C4 H9 N O3'     119.119 
TRP 'L-peptide linking' y TRYPTOPHAN      ? 'C11 H12 N2 O2'  204.225 
VAL 'L-peptide linking' y VALINE          ? 'C5 H11 N O2'    117.146 
# 
_exptl.entry_id          2FCF 
_exptl.method            'X-RAY DIFFRACTION' 
_exptl.crystals_number   1 
# 
_exptl_crystal.id                    1 
_exptl_crystal.density_meas          ? 
_exptl_crystal.density_Matthews      2.10 
_exptl_crystal.density_percent_sol   41.46 
_exptl_crystal.description           ? 
_exptl_crystal.F_000                 ? 
_exptl_crystal.preparation           ? 
# 
_exptl_crystal_grow.crystal_id      1 
_exptl_crystal_grow.method          'VAPOR DIFFUSION, SITTING DROP' 
_exptl_crystal_grow.temp            298 
_exptl_crystal_grow.temp_details    ? 
_exptl_crystal_grow.pH              7.4 
_exptl_crystal_grow.pdbx_details    '30% mPEG 2K, 0.10M KSCN, pH 7.4, VAPOR DIFFUSION, SITTING DROP, temperature 298K' 
_exptl_crystal_grow.pdbx_pH_range   . 
# 
_diffrn.id                     1 
_diffrn.ambient_temp           100 
_diffrn.ambient_temp_details   ? 
_diffrn.crystal_id             1 
# 
_diffrn_detector.diffrn_id              1 
_diffrn_detector.detector               CCD 
_diffrn_detector.type                   MARRESEARCH 
_diffrn_detector.pdbx_collection_date   2005-11-18 
_diffrn_detector.details                ? 
# 
_diffrn_radiation.diffrn_id                        1 
_diffrn_radiation.wavelength_id                    1 
_diffrn_radiation.pdbx_monochromatic_or_laue_m_l   M 
_diffrn_radiation.monochromator                    'Si(111)' 
_diffrn_radiation.pdbx_diffrn_protocol             'SINGLE WAVELENGTH' 
_diffrn_radiation.pdbx_scattering_type             x-ray 
# 
_diffrn_radiation_wavelength.id           1 
_diffrn_radiation_wavelength.wavelength   0.90010 
_diffrn_radiation_wavelength.wt           1.0 
# 
_diffrn_source.diffrn_id                   1 
_diffrn_source.source                      SYNCHROTRON 
_diffrn_source.type                        'SLS BEAMLINE X10SA' 
_diffrn_source.pdbx_synchrotron_site       SLS 
_diffrn_source.pdbx_synchrotron_beamline   X10SA 
_diffrn_source.pdbx_wavelength             ? 
_diffrn_source.pdbx_wavelength_list        0.90010 
# 
_reflns.entry_id                     2FCF 
_reflns.observed_criterion_sigma_I   0 
_reflns.observed_criterion_sigma_F   0 
_reflns.d_resolution_low             32.99 
_reflns.d_resolution_high            1.76 
_reflns.number_obs                   8968 
_reflns.number_all                   9475 
_reflns.percent_possible_obs         95. 
_reflns.pdbx_Rmerge_I_obs            0.073 
_reflns.pdbx_Rsym_value              0.073 
_reflns.pdbx_netI_over_sigmaI        ? 
_reflns.B_iso_Wilson_estimate        ? 
_reflns.pdbx_redundancy              6.84 
_reflns.R_free_details               ? 
_reflns.limit_h_max                  ? 
_reflns.limit_h_min                  ? 
_reflns.limit_k_max                  ? 
_reflns.limit_k_min                  ? 
_reflns.limit_l_max                  ? 
_reflns.limit_l_min                  ? 
_reflns.observed_criterion_F_max     ? 
_reflns.observed_criterion_F_min     ? 
_reflns.pdbx_chi_squared             ? 
_reflns.pdbx_scaling_rejects         ? 
_reflns.pdbx_ordinal                 1 
_reflns.pdbx_diffrn_id               1 
# 
_reflns_shell.d_res_high             1.76 
_reflns_shell.d_res_low              1.85 
_reflns_shell.percent_possible_all   96.3 
_reflns_shell.Rmerge_I_obs           0.0955 
_reflns_shell.pdbx_Rsym_value        0.184 
_reflns_shell.meanI_over_sigI_obs    9.57 
_reflns_shell.pdbx_redundancy        6.35 
_reflns_shell.percent_possible_obs   ? 
_reflns_shell.number_unique_all      1354 
_reflns_shell.number_measured_all    ? 
_reflns_shell.number_measured_obs    ? 
_reflns_shell.number_unique_obs      ? 
_reflns_shell.pdbx_chi_squared       ? 
_reflns_shell.pdbx_ordinal           1 
_reflns_shell.pdbx_diffrn_id         1 
# 
_refine.entry_id                                 2FCF 
_refine.ls_number_reflns_obs                     8968 
_refine.ls_number_reflns_all                     9475 
_refine.pdbx_ls_sigma_I                          ? 
_refine.pdbx_ls_sigma_F                          0 
_refine.pdbx_data_cutoff_high_absF               ? 
_refine.pdbx_data_cutoff_low_absF                ? 
_refine.pdbx_data_cutoff_high_rms_absF           ? 
_refine.ls_d_res_low                             32.99 
_refine.ls_d_res_high                            1.76 
_refine.ls_percent_reflns_obs                    95.58 
_refine.ls_R_factor_obs                          0.20937 
_refine.ls_R_factor_all                          0.20937 
_refine.ls_R_factor_R_work                       0.20767 
_refine.ls_R_factor_R_free                       0.24396 
_refine.ls_R_factor_R_free_error                 ? 
_refine.ls_R_factor_R_free_error_details         ? 
_refine.ls_percent_reflns_R_free                 4.9 
_refine.ls_number_reflns_R_free                  462 
_refine.ls_number_parameters                     ? 
_refine.ls_number_restraints                     ? 
_refine.occupancy_min                            ? 
_refine.occupancy_max                            ? 
_refine.correlation_coeff_Fo_to_Fc               0.957 
_refine.correlation_coeff_Fo_to_Fc_free          0.945 
_refine.B_iso_mean                               39.847 
_refine.aniso_B[1][1]                            -1.71 
_refine.aniso_B[2][2]                            3.36 
_refine.aniso_B[3][3]                            -1.65 
_refine.aniso_B[1][2]                            0.00 
_refine.aniso_B[1][3]                            0.00 
_refine.aniso_B[2][3]                            0.00 
_refine.solvent_model_details                    'BABINET MODEL WITH MASK' 
_refine.solvent_model_param_ksol                 ? 
_refine.solvent_model_param_bsol                 ? 
_refine.pdbx_solvent_vdw_probe_radii             1.20 
_refine.pdbx_solvent_ion_probe_radii             0.80 
_refine.pdbx_solvent_shrinkage_radii             0.80 
_refine.pdbx_ls_cross_valid_method               THROUGHOUT 
_refine.details                                  'HYDROGENS HAVE BEEN ADDED IN THE RIDING POSITIONS' 
_refine.pdbx_starting_model                      1n7f 
_refine.pdbx_method_to_determine_struct          'MOLECULAR REPLACEMENT' 
_refine.pdbx_isotropic_thermal_model             ? 
_refine.pdbx_stereochemistry_target_values       'MAXIMUM LIKELIHOOD' 
_refine.pdbx_stereochem_target_val_spec_case     ? 
_refine.pdbx_R_Free_selection_details            RANDOM 
_refine.pdbx_overall_ESU_R                       0.129 
_refine.pdbx_overall_ESU_R_Free                  0.125 
_refine.overall_SU_ML                            0.083 
_refine.overall_SU_B                             4.788 
_refine.ls_redundancy_reflns_obs                 ? 
_refine.B_iso_min                                ? 
_refine.B_iso_max                                ? 
_refine.overall_SU_R_Cruickshank_DPI             ? 
_refine.overall_SU_R_free                        ? 
_refine.ls_wR_factor_R_free                      ? 
_refine.ls_wR_factor_R_work                      ? 
_refine.overall_FOM_free_R_set                   ? 
_refine.overall_FOM_work_R_set                   ? 
_refine.pdbx_overall_phase_error                 ? 
_refine.pdbx_refine_id                           'X-RAY DIFFRACTION' 
_refine.pdbx_TLS_residual_ADP_flag               'LIKELY RESIDUAL' 
_refine.pdbx_diffrn_id                           1 
_refine.pdbx_overall_SU_R_free_Cruickshank_DPI   ? 
_refine.pdbx_overall_SU_R_Blow_DPI               ? 
_refine.pdbx_overall_SU_R_free_Blow_DPI          ? 
# 
_refine_hist.pdbx_refine_id                   'X-RAY DIFFRACTION' 
_refine_hist.cycle_id                         LAST 
_refine_hist.pdbx_number_atoms_protein        663 
_refine_hist.pdbx_number_atoms_nucleic_acid   0 
_refine_hist.pdbx_number_atoms_ligand         0 
_refine_hist.number_atoms_solvent             39 
_refine_hist.number_atoms_total               702 
_refine_hist.d_res_high                       1.76 
_refine_hist.d_res_low                        32.99 
# 
loop_
_refine_ls_restr.type 
_refine_ls_restr.dev_ideal 
_refine_ls_restr.dev_ideal_target 
_refine_ls_restr.weight 
_refine_ls_restr.number 
_refine_ls_restr.pdbx_refine_id 
_refine_ls_restr.pdbx_restraint_function 
r_bond_refined_d             0.013  0.022  ? 676  'X-RAY DIFFRACTION' ? 
r_bond_other_d               0.001  0.020  ? 472  'X-RAY DIFFRACTION' ? 
r_angle_refined_deg          1.503  1.976  ? 912  'X-RAY DIFFRACTION' ? 
r_angle_other_deg            0.877  3.000  ? 1149 'X-RAY DIFFRACTION' ? 
r_dihedral_angle_1_deg       5.387  5.000  ? 88   'X-RAY DIFFRACTION' ? 
r_dihedral_angle_2_deg       28.481 22.692 ? 26   'X-RAY DIFFRACTION' ? 
r_dihedral_angle_3_deg       12.560 15.000 ? 118  'X-RAY DIFFRACTION' ? 
r_dihedral_angle_4_deg       13.785 15.000 ? 7    'X-RAY DIFFRACTION' ? 
r_chiral_restr               0.090  0.200  ? 106  'X-RAY DIFFRACTION' ? 
r_gen_planes_refined         0.005  0.020  ? 745  'X-RAY DIFFRACTION' ? 
r_gen_planes_other           0.001  0.020  ? 129  'X-RAY DIFFRACTION' ? 
r_nbd_refined                0.210  0.200  ? 91   'X-RAY DIFFRACTION' ? 
r_nbd_other                  0.206  0.200  ? 441  'X-RAY DIFFRACTION' ? 
r_nbtor_refined              0.169  0.200  ? 308  'X-RAY DIFFRACTION' ? 
r_nbtor_other                0.086  0.200  ? 391  'X-RAY DIFFRACTION' ? 
r_xyhbond_nbd_refined        0.140  0.200  ? 25   'X-RAY DIFFRACTION' ? 
r_xyhbond_nbd_other          ?      ?      ? ?    'X-RAY DIFFRACTION' ? 
r_metal_ion_refined          ?      ?      ? ?    'X-RAY DIFFRACTION' ? 
r_metal_ion_other            ?      ?      ? ?    'X-RAY DIFFRACTION' ? 
r_symmetry_vdw_refined       0.067  0.200  ? 6    'X-RAY DIFFRACTION' ? 
r_symmetry_vdw_other         0.265  0.200  ? 42   'X-RAY DIFFRACTION' ? 
r_symmetry_hbond_refined     0.090  0.200  ? 6    'X-RAY DIFFRACTION' ? 
r_symmetry_hbond_other       ?      ?      ? ?    'X-RAY DIFFRACTION' ? 
r_symmetry_metal_ion_refined ?      ?      ? ?    'X-RAY DIFFRACTION' ? 
r_symmetry_metal_ion_other   ?      ?      ? ?    'X-RAY DIFFRACTION' ? 
r_mcbond_it                  3.124  3.000  ? 458  'X-RAY DIFFRACTION' ? 
r_mcbond_other               0.815  3.000  ? 182  'X-RAY DIFFRACTION' ? 
r_mcangle_it                 3.870  5.000  ? 708  'X-RAY DIFFRACTION' ? 
r_scbond_it                  5.321  7.000  ? 246  'X-RAY DIFFRACTION' ? 
r_scangle_it                 7.737  11.000 ? 203  'X-RAY DIFFRACTION' ? 
r_rigid_bond_restr           ?      ?      ? ?    'X-RAY DIFFRACTION' ? 
r_sphericity_free            ?      ?      ? ?    'X-RAY DIFFRACTION' ? 
r_sphericity_bonded          ?      ?      ? ?    'X-RAY DIFFRACTION' ? 
# 
_refine_ls_shell.pdbx_total_number_of_bins_used   20 
_refine_ls_shell.d_res_high                       1.760 
_refine_ls_shell.d_res_low                        1.806 
_refine_ls_shell.number_reflns_R_work             677 
_refine_ls_shell.R_factor_R_work                  0.228 
_refine_ls_shell.percent_reflns_obs               99.72 
_refine_ls_shell.R_factor_R_free                  0.255 
_refine_ls_shell.R_factor_R_free_error            ? 
_refine_ls_shell.percent_reflns_R_free            ? 
_refine_ls_shell.number_reflns_R_free             28 
_refine_ls_shell.number_reflns_all                ? 
_refine_ls_shell.R_factor_all                     ? 
_refine_ls_shell.number_reflns_obs                ? 
_refine_ls_shell.redundancy_reflns_obs            ? 
_refine_ls_shell.pdbx_refine_id                   'X-RAY DIFFRACTION' 
# 
_struct.entry_id                  2FCF 
_struct.title                     'The crystal structure of the 7th PDZ domain of MPDZ (MUPP-1)' 
_struct.pdbx_model_details        ? 
_struct.pdbx_CASP_flag            ? 
_struct.pdbx_model_type_details   ? 
# 
_struct_keywords.entry_id        2FCF 
_struct_keywords.pdbx_keywords   'STRUCTURAL PROTEIN' 
_struct_keywords.text            
'Adaptor molecule, Protein linker, Structural Genomics, Structural Genomics Consortium, SGC, STRUCTURAL PROTEIN' 
# 
loop_
_struct_asym.id 
_struct_asym.pdbx_blank_PDB_chainid_flag 
_struct_asym.pdbx_modified 
_struct_asym.entity_id 
_struct_asym.details 
A N N 1 ? 
B N N 2 ? 
# 
_struct_biol.id                    1 
_struct_biol.details               'The biological unit is a monomer' 
_struct_biol.pdbx_parent_biol_id   ? 
# 
loop_
_struct_conf.conf_type_id 
_struct_conf.id 
_struct_conf.pdbx_PDB_helix_id 
_struct_conf.beg_label_comp_id 
_struct_conf.beg_label_asym_id 
_struct_conf.beg_label_seq_id 
_struct_conf.pdbx_beg_PDB_ins_code 
_struct_conf.end_label_comp_id 
_struct_conf.end_label_asym_id 
_struct_conf.end_label_seq_id 
_struct_conf.pdbx_end_PDB_ins_code 
_struct_conf.beg_auth_comp_id 
_struct_conf.beg_auth_asym_id 
_struct_conf.beg_auth_seq_id 
_struct_conf.end_auth_comp_id 
_struct_conf.end_auth_asym_id 
_struct_conf.end_auth_seq_id 
_struct_conf.pdbx_PDB_helix_class 
_struct_conf.details 
_struct_conf.pdbx_PDB_helix_length 
HELX_P HELX_P1 1 SER A 50 ? GLY A 56 ? SER A 1194 GLY A 1200 1 ? 7  
HELX_P HELX_P2 2 SER A 76 ? LYS A 86 ? SER A 1220 LYS A 1230 1 ? 11 
# 
_struct_conf_type.id          HELX_P 
_struct_conf_type.criteria    ? 
_struct_conf_type.reference   ? 
# 
_struct_mon_prot_cis.pdbx_id                1 
_struct_mon_prot_cis.label_comp_id          ASN 
_struct_mon_prot_cis.label_seq_id           89 
_struct_mon_prot_cis.label_asym_id          A 
_struct_mon_prot_cis.label_alt_id           . 
_struct_mon_prot_cis.pdbx_PDB_ins_code      ? 
_struct_mon_prot_cis.auth_comp_id           ASN 
_struct_mon_prot_cis.auth_seq_id            1233 
_struct_mon_prot_cis.auth_asym_id           A 
_struct_mon_prot_cis.pdbx_label_comp_id_2   PRO 
_struct_mon_prot_cis.pdbx_label_seq_id_2    90 
_struct_mon_prot_cis.pdbx_label_asym_id_2   A 
_struct_mon_prot_cis.pdbx_PDB_ins_code_2    ? 
_struct_mon_prot_cis.pdbx_auth_comp_id_2    PRO 
_struct_mon_prot_cis.pdbx_auth_seq_id_2     1234 
_struct_mon_prot_cis.pdbx_auth_asym_id_2    A 
_struct_mon_prot_cis.pdbx_PDB_model_num     1 
_struct_mon_prot_cis.pdbx_omega_angle       -2.24 
# 
loop_
_struct_sheet.id 
_struct_sheet.type 
_struct_sheet.number_strands 
_struct_sheet.details 
A ? 5 ? 
B ? 4 ? 
# 
loop_
_struct_sheet_order.sheet_id 
_struct_sheet_order.range_id_1 
_struct_sheet_order.range_id_2 
_struct_sheet_order.offset 
_struct_sheet_order.sense 
A 1 2 ? anti-parallel 
A 2 3 ? anti-parallel 
A 3 4 ? anti-parallel 
A 4 5 ? anti-parallel 
B 1 2 ? anti-parallel 
B 2 3 ? anti-parallel 
B 3 4 ? anti-parallel 
# 
loop_
_struct_sheet_range.sheet_id 
_struct_sheet_range.id 
_struct_sheet_range.beg_label_comp_id 
_struct_sheet_range.beg_label_asym_id 
_struct_sheet_range.beg_label_seq_id 
_struct_sheet_range.pdbx_beg_PDB_ins_code 
_struct_sheet_range.end_label_comp_id 
_struct_sheet_range.end_label_asym_id 
_struct_sheet_range.end_label_seq_id 
_struct_sheet_range.pdbx_end_PDB_ins_code 
_struct_sheet_range.beg_auth_comp_id 
_struct_sheet_range.beg_auth_asym_id 
_struct_sheet_range.beg_auth_seq_id 
_struct_sheet_range.end_auth_comp_id 
_struct_sheet_range.end_auth_asym_id 
_struct_sheet_range.end_auth_seq_id 
A 1 ARG A 6  ? LEU A 10 ? ARG A 1150 LEU A 1154 
A 2 VAL A 91 ? GLN A 96 ? VAL A 1235 GLN A 1240 
A 3 ARG A 63 ? VAL A 67 ? ARG A 1207 VAL A 1211 
A 4 ILE A 41 ? VAL A 46 ? ILE A 1185 VAL A 1190 
A 5 ILE A 20 ? VAL A 23 ? ILE A 1164 VAL A 1167 
B 1 ARG A 6  ? LEU A 10 ? ARG A 1150 LEU A 1154 
B 2 VAL A 91 ? GLN A 96 ? VAL A 1235 GLN A 1240 
B 3 ARG A 63 ? VAL A 67 ? ARG A 1207 VAL A 1211 
B 4 MET A 70 ? ASP A 71 ? MET A 1214 ASP A 1215 
# 
loop_
_pdbx_struct_sheet_hbond.sheet_id 
_pdbx_struct_sheet_hbond.range_id_1 
_pdbx_struct_sheet_hbond.range_id_2 
_pdbx_struct_sheet_hbond.range_1_label_atom_id 
_pdbx_struct_sheet_hbond.range_1_label_comp_id 
_pdbx_struct_sheet_hbond.range_1_label_asym_id 
_pdbx_struct_sheet_hbond.range_1_label_seq_id 
_pdbx_struct_sheet_hbond.range_1_PDB_ins_code 
_pdbx_struct_sheet_hbond.range_1_auth_atom_id 
_pdbx_struct_sheet_hbond.range_1_auth_comp_id 
_pdbx_struct_sheet_hbond.range_1_auth_asym_id 
_pdbx_struct_sheet_hbond.range_1_auth_seq_id 
_pdbx_struct_sheet_hbond.range_2_label_atom_id 
_pdbx_struct_sheet_hbond.range_2_label_comp_id 
_pdbx_struct_sheet_hbond.range_2_label_asym_id 
_pdbx_struct_sheet_hbond.range_2_label_seq_id 
_pdbx_struct_sheet_hbond.range_2_PDB_ins_code 
_pdbx_struct_sheet_hbond.range_2_auth_atom_id 
_pdbx_struct_sheet_hbond.range_2_auth_comp_id 
_pdbx_struct_sheet_hbond.range_2_auth_asym_id 
_pdbx_struct_sheet_hbond.range_2_auth_seq_id 
A 1 2 N VAL A 8  ? N VAL A 1152 O PHE A 93 ? O PHE A 1237 
A 2 3 O GLN A 96 ? O GLN A 1240 N ARG A 63 ? N ARG A 1207 
A 3 4 O ILE A 64 ? O ILE A 1208 N ILE A 41 ? N ILE A 1185 
A 4 5 O LYS A 44 ? O LYS A 1188 N SER A 21 ? N SER A 1165 
B 1 2 N VAL A 8  ? N VAL A 1152 O PHE A 93 ? O PHE A 1237 
B 2 3 O GLN A 96 ? O GLN A 1240 N ARG A 63 ? N ARG A 1207 
B 3 4 N VAL A 67 ? N VAL A 1211 O MET A 70 ? O MET A 1214 
# 
_atom_sites.entry_id                    2FCF 
_atom_sites.fract_transf_matrix[1][1]   -0.01673658 
_atom_sites.fract_transf_matrix[1][2]   0.01101050 
_atom_sites.fract_transf_matrix[1][3]   -0.01168041 
_atom_sites.fract_transf_matrix[2][1]   0.00035684 
_atom_sites.fract_transf_matrix[2][2]   0.01686432 
_atom_sites.fract_transf_matrix[2][3]   0.01538578 
_atom_sites.fract_transf_matrix[3][1]   0.01379391 
_atom_sites.fract_transf_matrix[3][2]   0.00953775 
_atom_sites.fract_transf_matrix[3][3]   -0.01077423 
_atom_sites.fract_transf_vector[1]      0.118310 
_atom_sites.fract_transf_vector[2]      0.071080 
_atom_sites.fract_transf_vector[3]      0.066776 
# 
loop_
_atom_type.symbol 
C 
N 
O 
S 
# 
loop_
_atom_site.group_PDB 
_atom_site.id 
_atom_site.type_symbol 
_atom_site.label_atom_id 
_atom_site.label_alt_id 
_atom_site.label_comp_id 
_atom_site.label_asym_id 
_atom_site.label_entity_id 
_atom_site.label_seq_id 
_atom_site.pdbx_PDB_ins_code 
_atom_site.Cartn_x 
_atom_site.Cartn_y 
_atom_site.Cartn_z 
_atom_site.occupancy 
_atom_site.B_iso_or_equiv 
_atom_site.pdbx_formal_charge 
_atom_site.auth_seq_id 
_atom_site.auth_comp_id 
_atom_site.auth_asym_id 
_atom_site.auth_atom_id 
_atom_site.pdbx_PDB_model_num 
ATOM   1   N N   . GLN A 1 1   ? 2.696   -10.989 -16.359 1.00 65.66 ? 1145 GLN A N   1 
ATOM   2   C CA  . GLN A 1 1   ? 1.775   -10.268 -15.437 1.00 62.85 ? 1145 GLN A CA  1 
ATOM   3   C C   . GLN A 1 1   ? 1.488   -8.853  -15.957 1.00 63.65 ? 1145 GLN A C   1 
ATOM   4   O O   . GLN A 1 1   ? 2.386   -8.168  -16.456 1.00 63.45 ? 1145 GLN A O   1 
ATOM   5   C CB  . GLN A 1 1   ? 2.388   -10.198 -14.038 1.00 65.25 ? 1145 GLN A CB  1 
ATOM   6   N N   . SER A 1 2   ? 0.228   -8.431  -15.874 1.00 58.83 ? 1146 SER A N   1 
ATOM   7   C CA  . SER A 1 2   ? -0.134  -7.071  -16.227 1.00 57.95 ? 1146 SER A CA  1 
ATOM   8   C C   . SER A 1 2   ? 0.710   -6.152  -15.368 1.00 55.54 ? 1146 SER A C   1 
ATOM   9   O O   . SER A 1 2   ? 0.972   -6.466  -14.207 1.00 55.17 ? 1146 SER A O   1 
ATOM   10  C CB  . SER A 1 2   ? -1.605  -6.806  -15.937 1.00 59.57 ? 1146 SER A CB  1 
ATOM   11  O OG  . SER A 1 2   ? -1.971  -5.481  -16.276 1.00 63.55 ? 1146 SER A OG  1 
ATOM   12  N N   . MET A 1 3   ? 1.143   -5.026  -15.925 1.00 56.57 ? 1147 MET A N   1 
ATOM   13  C CA  . MET A 1 3   ? 1.841   -4.022  -15.101 1.00 55.22 ? 1147 MET A CA  1 
ATOM   14  C C   . MET A 1 3   ? 0.861   -2.925  -14.684 1.00 52.38 ? 1147 MET A C   1 
ATOM   15  O O   . MET A 1 3   ? 1.266   -1.831  -14.319 1.00 48.30 ? 1147 MET A O   1 
ATOM   16  C CB  . MET A 1 3   ? 3.080   -3.465  -15.823 1.00 57.36 ? 1147 MET A CB  1 
ATOM   17  C CG  . MET A 1 3   ? 4.303   -4.340  -15.635 1.00 57.97 ? 1147 MET A CG  1 
ATOM   18  S SD  . MET A 1 3   ? 5.868   -3.759  -16.351 1.00 65.51 ? 1147 MET A SD  1 
ATOM   19  C CE  . MET A 1 3   ? 6.808   -5.270  -16.181 1.00 65.32 ? 1147 MET A CE  1 
ATOM   20  N N   . GLN A 1 4   ? -0.434  -3.228  -14.746 1.00 44.92 ? 1148 GLN A N   1 
ATOM   21  C CA  . GLN A 1 4   ? -1.466  -2.350  -14.217 1.00 44.69 ? 1148 GLN A CA  1 
ATOM   22  C C   . GLN A 1 4   ? -1.511  -2.531  -12.720 1.00 41.16 ? 1148 GLN A C   1 
ATOM   23  O O   . GLN A 1 4   ? -1.275  -3.630  -12.207 1.00 42.65 ? 1148 GLN A O   1 
ATOM   24  C CB  . GLN A 1 4   ? -2.841  -2.670  -14.841 1.00 42.37 ? 1148 GLN A CB  1 
ATOM   25  C CG  . GLN A 1 4   ? -3.082  -2.116  -16.240 1.00 45.95 ? 1148 GLN A CG  1 
ATOM   26  C CD  . GLN A 1 4   ? -3.009  -0.590  -16.276 1.00 40.99 ? 1148 GLN A CD  1 
ATOM   27  O OE1 . GLN A 1 4   ? -3.546  0.104   -15.334 1.00 54.27 ? 1148 GLN A OE1 1 
ATOM   28  N NE2 . GLN A 1 4   ? -2.349  -0.069  -17.355 1.00 46.84 ? 1148 GLN A NE2 1 
ATOM   29  N N   . PRO A 1 5   ? -1.754  -1.441  -11.967 1.00 39.50 ? 1149 PRO A N   1 
ATOM   30  C CA  . PRO A 1 5   ? -1.873  -1.631  -10.557 1.00 40.26 ? 1149 PRO A CA  1 
ATOM   31  C C   . PRO A 1 5   ? -2.952  -2.656  -10.219 1.00 37.72 ? 1149 PRO A C   1 
ATOM   32  O O   . PRO A 1 5   ? -3.847  -2.902  -11.035 1.00 41.15 ? 1149 PRO A O   1 
ATOM   33  C CB  . PRO A 1 5   ? -2.260  -0.230  -10.049 1.00 41.98 ? 1149 PRO A CB  1 
ATOM   34  C CG  . PRO A 1 5   ? -1.772  0.701   -11.137 1.00 45.82 ? 1149 PRO A CG  1 
ATOM   35  C CD  . PRO A 1 5   ? -1.918  -0.037  -12.381 1.00 43.30 ? 1149 PRO A CD  1 
ATOM   36  N N   . ARG A 1 6   ? -2.833  -3.281  -9.062  1.00 42.96 ? 1150 ARG A N   1 
ATOM   37  C CA  . ARG A 1 6   ? -3.849  -4.212  -8.632  1.00 43.07 ? 1150 ARG A CA  1 
ATOM   38  C C   . ARG A 1 6   ? -4.514  -3.805  -7.338  1.00 39.89 ? 1150 ARG A C   1 
ATOM   39  O O   . ARG A 1 6   ? -3.918  -3.166  -6.491  1.00 42.50 ? 1150 ARG A O   1 
ATOM   40  C CB  . ARG A 1 6   ? -3.323  -5.630  -8.543  1.00 49.06 ? 1150 ARG A CB  1 
ATOM   41  C CG  . ARG A 1 6   ? -2.116  -5.773  -7.761  1.00 46.94 ? 1150 ARG A CG  1 
ATOM   42  C CD  . ARG A 1 6   ? -1.585  -7.199  -7.777  1.00 61.23 ? 1150 ARG A CD  1 
ATOM   43  N NE  . ARG A 1 6   ? -0.620  -7.305  -6.693  1.00 69.96 ? 1150 ARG A NE  1 
ATOM   44  C CZ  . ARG A 1 6   ? -0.932  -7.576  -5.429  1.00 71.75 ? 1150 ARG A CZ  1 
ATOM   45  N NH1 . ARG A 1 6   ? 0.025   -7.607  -4.519  1.00 72.29 ? 1150 ARG A NH1 1 
ATOM   46  N NH2 . ARG A 1 6   ? -2.184  -7.839  -5.076  1.00 73.51 ? 1150 ARG A NH2 1 
ATOM   47  N N   . ARG A 1 7   ? -5.795  -4.145  -7.256  1.00 41.26 ? 1151 ARG A N   1 
ATOM   48  C CA  . ARG A 1 7   ? -6.599  -3.779  -6.077  1.00 46.03 ? 1151 ARG A CA  1 
ATOM   49  C C   . ARG A 1 7   ? -6.351  -4.738  -4.938  1.00 45.45 ? 1151 ARG A C   1 
ATOM   50  O O   . ARG A 1 7   ? -6.423  -5.933  -5.114  1.00 43.40 ? 1151 ARG A O   1 
ATOM   51  C CB  . ARG A 1 7   ? -8.066  -3.827  -6.460  1.00 49.80 ? 1151 ARG A CB  1 
ATOM   52  C CG  . ARG A 1 7   ? -9.042  -3.334  -5.436  1.00 54.61 ? 1151 ARG A CG  1 
ATOM   53  C CD  . ARG A 1 7   ? -10.445 -3.363  -6.055  1.00 58.28 ? 1151 ARG A CD  1 
ATOM   54  N NE  . ARG A 1 7   ? -11.488 -2.913  -5.132  1.00 66.11 ? 1151 ARG A NE  1 
ATOM   55  C CZ  . ARG A 1 7   ? -11.981 -1.673  -5.080  1.00 63.79 ? 1151 ARG A CZ  1 
ATOM   56  N NH1 . ARG A 1 7   ? -12.923 -1.378  -4.187  1.00 58.37 ? 1151 ARG A NH1 1 
ATOM   57  N NH2 . ARG A 1 7   ? -11.544 -0.723  -5.903  1.00 68.75 ? 1151 ARG A NH2 1 
ATOM   58  N N   . VAL A 1 8   ? -6.111  -4.205  -3.752  1.00 41.42 ? 1152 VAL A N   1 
ATOM   59  C CA  . VAL A 1 8   ? -5.882  -4.990  -2.547  1.00 42.52 ? 1152 VAL A CA  1 
ATOM   60  C C   . VAL A 1 8   ? -6.762  -4.419  -1.437  1.00 43.18 ? 1152 VAL A C   1 
ATOM   61  O O   . VAL A 1 8   ? -6.632  -3.243  -1.144  1.00 46.22 ? 1152 VAL A O   1 
ATOM   62  C CB  . VAL A 1 8   ? -4.420  -4.930  -2.111  1.00 46.01 ? 1152 VAL A CB  1 
ATOM   63  C CG1 . VAL A 1 8   ? -4.212  -5.612  -0.735  1.00 46.21 ? 1152 VAL A CG1 1 
ATOM   64  C CG2 . VAL A 1 8   ? -3.529  -5.604  -3.211  1.00 44.86 ? 1152 VAL A CG2 1 
ATOM   65  N N   . GLU A 1 9   ? -7.633  -5.258  -0.865  1.00 44.84 ? 1153 GLU A N   1 
ATOM   66  C CA  . GLU A 1 9   ? -8.501  -4.819  0.240   1.00 45.04 ? 1153 GLU A CA  1 
ATOM   67  C C   . GLU A 1 9   ? -7.995  -5.366  1.551   1.00 46.29 ? 1153 GLU A C   1 
ATOM   68  O O   . GLU A 1 9   ? -7.880  -6.579  1.686   1.00 48.39 ? 1153 GLU A O   1 
ATOM   69  C CB  . GLU A 1 9   ? -9.920  -5.314  0.052   1.00 47.22 ? 1153 GLU A CB  1 
ATOM   70  C CG  . GLU A 1 9   ? -10.707 -4.740  -1.056  1.00 52.40 ? 1153 GLU A CG  1 
ATOM   71  C CD  . GLU A 1 9   ? -12.172 -5.186  -0.965  1.00 54.39 ? 1153 GLU A CD  1 
ATOM   72  O OE1 . GLU A 1 9   ? -12.424 -6.361  -0.611  1.00 61.77 ? 1153 GLU A OE1 1 
ATOM   73  O OE2 . GLU A 1 9   ? -13.055 -4.369  -1.234  1.00 59.38 ? 1153 GLU A OE2 1 
ATOM   74  N N   . LEU A 1 10  ? -7.737  -4.489  2.526   1.00 44.25 ? 1154 LEU A N   1 
ATOM   75  C CA  . LEU A 1 10  ? -7.323  -4.922  3.852   1.00 45.32 ? 1154 LEU A CA  1 
ATOM   76  C C   . LEU A 1 10  ? -8.447  -4.620  4.825   1.00 47.45 ? 1154 LEU A C   1 
ATOM   77  O O   . LEU A 1 10  ? -8.944  -3.498  4.860   1.00 49.14 ? 1154 LEU A O   1 
ATOM   78  C CB  . LEU A 1 10  ? -6.076  -4.227  4.325   1.00 47.03 ? 1154 LEU A CB  1 
ATOM   79  C CG  . LEU A 1 10  ? -4.799  -4.413  3.504   1.00 45.26 ? 1154 LEU A CG  1 
ATOM   80  C CD1 . LEU A 1 10  ? -3.634  -3.790  4.253   1.00 51.25 ? 1154 LEU A CD1 1 
ATOM   81  C CD2 . LEU A 1 10  ? -4.597  -5.907  3.180   1.00 44.76 ? 1154 LEU A CD2 1 
ATOM   82  N N   . TRP A 1 11  ? -8.799  -5.623  5.612   1.00 46.34 ? 1155 TRP A N   1 
ATOM   83  C CA  . TRP A 1 11  ? -9.872  -5.518  6.607   1.00 48.61 ? 1155 TRP A CA  1 
ATOM   84  C C   . TRP A 1 11  ? -9.248  -5.265  7.979   1.00 48.94 ? 1155 TRP A C   1 
ATOM   85  O O   . TRP A 1 11  ? -8.448  -6.067  8.482   1.00 46.09 ? 1155 TRP A O   1 
ATOM   86  C CB  . TRP A 1 11  ? -10.725 -6.776  6.612   1.00 48.51 ? 1155 TRP A CB  1 
ATOM   87  C CG  . TRP A 1 11  ? -11.535 -6.838  5.363   1.00 48.85 ? 1155 TRP A CG  1 
ATOM   88  C CD1 . TRP A 1 11  ? -11.105 -7.254  4.138   1.00 51.92 ? 1155 TRP A CD1 1 
ATOM   89  C CD2 . TRP A 1 11  ? -12.872 -6.375  5.188   1.00 45.75 ? 1155 TRP A CD2 1 
ATOM   90  N NE1 . TRP A 1 11  ? -12.101 -7.112  3.217   1.00 46.75 ? 1155 TRP A NE1 1 
ATOM   91  C CE2 . TRP A 1 11  ? -13.204 -6.575  3.828   1.00 55.38 ? 1155 TRP A CE2 1 
ATOM   92  C CE3 . TRP A 1 11  ? -13.849 -5.859  6.054   1.00 53.82 ? 1155 TRP A CE3 1 
ATOM   93  C CZ2 . TRP A 1 11  ? -14.462 -6.269  3.317   1.00 47.59 ? 1155 TRP A CZ2 1 
ATOM   94  C CZ3 . TRP A 1 11  ? -15.102 -5.544  5.536   1.00 53.77 ? 1155 TRP A CZ3 1 
ATOM   95  C CH2 . TRP A 1 11  ? -15.392 -5.744  4.177   1.00 52.48 ? 1155 TRP A CH2 1 
ATOM   96  N N   . ARG A 1 12  ? -9.622  -4.140  8.565   1.00 48.12 ? 1156 ARG A N   1 
ATOM   97  C CA  . ARG A 1 12  ? -9.049  -3.709  9.826   1.00 49.36 ? 1156 ARG A CA  1 
ATOM   98  C C   . ARG A 1 12  ? -9.478  -4.626  10.954  1.00 51.10 ? 1156 ARG A C   1 
ATOM   99  O O   . ARG A 1 12  ? -10.595 -5.141  10.948  1.00 49.28 ? 1156 ARG A O   1 
ATOM   100 C CB  . ARG A 1 12  ? -9.523  -2.297  10.143  1.00 50.26 ? 1156 ARG A CB  1 
ATOM   101 C CG  . ARG A 1 12  ? -9.036  -1.199  9.234   1.00 51.26 ? 1156 ARG A CG  1 
ATOM   102 C CD  . ARG A 1 12  ? -9.542  0.140   9.731   1.00 55.33 ? 1156 ARG A CD  1 
ATOM   103 N NE  . ARG A 1 12  ? -9.083  1.281   8.941   1.00 55.04 ? 1156 ARG A NE  1 
ATOM   104 C CZ  . ARG A 1 12  ? -7.888  1.853   9.048   1.00 55.17 ? 1156 ARG A CZ  1 
ATOM   105 N NH1 . ARG A 1 12  ? -7.599  2.897   8.289   1.00 59.91 ? 1156 ARG A NH1 1 
ATOM   106 N NH2 . ARG A 1 12  ? -6.985  1.409   9.911   1.00 61.94 ? 1156 ARG A NH2 1 
ATOM   107 N N   . GLU A 1 13  ? -8.588  -4.823  11.928  1.00 54.61 ? 1157 GLU A N   1 
ATOM   108 C CA  . GLU A 1 13  ? -8.920  -5.552  13.144  1.00 59.06 ? 1157 GLU A CA  1 
ATOM   109 C C   . GLU A 1 13  ? -8.913  -4.563  14.310  1.00 58.85 ? 1157 GLU A C   1 
ATOM   110 O O   . GLU A 1 13  ? -8.016  -3.727  14.385  1.00 60.78 ? 1157 GLU A O   1 
ATOM   111 C CB  . GLU A 1 13  ? -7.923  -6.693  13.364  1.00 57.21 ? 1157 GLU A CB  1 
ATOM   112 C CG  . GLU A 1 13  ? -7.996  -7.752  12.264  1.00 59.64 ? 1157 GLU A CG  1 
ATOM   113 C CD  . GLU A 1 13  ? -6.932  -8.820  12.386  1.00 67.46 ? 1157 GLU A CD  1 
ATOM   114 O OE1 . GLU A 1 13  ? -6.440  -9.043  13.511  1.00 66.02 ? 1157 GLU A OE1 1 
ATOM   115 O OE2 . GLU A 1 13  ? -6.598  -9.449  11.353  1.00 77.29 ? 1157 GLU A OE2 1 
ATOM   116 N N   . PRO A 1 14  ? -9.916  -4.648  15.217  1.00 63.75 ? 1158 PRO A N   1 
ATOM   117 C CA  . PRO A 1 14  ? -10.100 -3.669  16.298  1.00 64.76 ? 1158 PRO A CA  1 
ATOM   118 C C   . PRO A 1 14  ? -8.836  -3.348  17.097  1.00 67.58 ? 1158 PRO A C   1 
ATOM   119 O O   . PRO A 1 14  ? -8.627  -2.187  17.462  1.00 70.07 ? 1158 PRO A O   1 
ATOM   120 C CB  . PRO A 1 14  ? -11.123 -4.345  17.209  1.00 66.27 ? 1158 PRO A CB  1 
ATOM   121 C CG  . PRO A 1 14  ? -11.911 -5.211  16.307  1.00 66.94 ? 1158 PRO A CG  1 
ATOM   122 C CD  . PRO A 1 14  ? -10.962 -5.689  15.250  1.00 65.42 ? 1158 PRO A CD  1 
ATOM   123 N N   . LYS A 1 16  ? -4.809  -4.736  15.685  1.00 65.82 ? 1160 LYS A N   1 
ATOM   124 C CA  . LYS A 1 16  ? -4.798  -3.285  15.835  1.00 68.56 ? 1160 LYS A CA  1 
ATOM   125 C C   . LYS A 1 16  ? -4.356  -2.551  14.553  1.00 66.08 ? 1160 LYS A C   1 
ATOM   126 O O   . LYS A 1 16  ? -5.174  -1.886  13.908  1.00 70.06 ? 1160 LYS A O   1 
ATOM   127 C CB  . LYS A 1 16  ? -3.897  -2.891  17.010  1.00 73.90 ? 1160 LYS A CB  1 
ATOM   128 N N   . SER A 1 17  ? -3.076  -2.652  14.180  1.00 61.93 ? 1161 SER A N   1 
ATOM   129 C CA  . SER A 1 17  ? -2.576  -1.917  13.004  1.00 56.95 ? 1161 SER A CA  1 
ATOM   130 C C   . SER A 1 17  ? -2.856  -2.691  11.706  1.00 52.14 ? 1161 SER A C   1 
ATOM   131 O O   . SER A 1 17  ? -3.196  -3.871  11.753  1.00 53.55 ? 1161 SER A O   1 
ATOM   132 C CB  . SER A 1 17  ? -1.090  -1.560  13.127  1.00 56.59 ? 1161 SER A CB  1 
ATOM   133 O OG  . SER A 1 17  ? -0.229  -2.665  12.851  1.00 60.04 ? 1161 SER A OG  1 
ATOM   134 N N   . LEU A 1 18  ? -2.706  -2.007  10.569  1.00 53.60 ? 1162 LEU A N   1 
ATOM   135 C CA  . LEU A 1 18  ? -2.922  -2.640  9.242   1.00 50.90 ? 1162 LEU A CA  1 
ATOM   136 C C   . LEU A 1 18  ? -1.809  -3.629  8.904   1.00 49.94 ? 1162 LEU A C   1 
ATOM   137 O O   . LEU A 1 18  ? -2.025  -4.604  8.165   1.00 50.81 ? 1162 LEU A O   1 
ATOM   138 C CB  . LEU A 1 18  ? -2.964  -1.586  8.156   1.00 53.40 ? 1162 LEU A CB  1 
ATOM   139 C CG  . LEU A 1 18  ? -4.212  -0.770  7.898   1.00 50.93 ? 1162 LEU A CG  1 
ATOM   140 C CD1 . LEU A 1 18  ? -3.892  0.201   6.710   1.00 50.68 ? 1162 LEU A CD1 1 
ATOM   141 C CD2 . LEU A 1 18  ? -5.434  -1.698  7.657   1.00 53.91 ? 1162 LEU A CD2 1 
ATOM   142 N N   . GLY A 1 19  ? -0.627  -3.335  9.421   1.00 49.39 ? 1163 GLY A N   1 
ATOM   143 C CA  . GLY A 1 19  ? 0.537   -4.207  9.314   1.00 47.84 ? 1163 GLY A CA  1 
ATOM   144 C C   . GLY A 1 19  ? 1.575   -3.845  8.263   1.00 48.98 ? 1163 GLY A C   1 
ATOM   145 O O   . GLY A 1 19  ? 2.411   -4.699  7.907   1.00 50.57 ? 1163 GLY A O   1 
ATOM   146 N N   . ILE A 1 20  ? 1.576   -2.615  7.765   1.00 46.82 ? 1164 ILE A N   1 
ATOM   147 C CA  . ILE A 1 20  ? 2.584   -2.181  6.810   1.00 45.49 ? 1164 ILE A CA  1 
ATOM   148 C C   . ILE A 1 20  ? 3.401   -0.999  7.335   1.00 50.57 ? 1164 ILE A C   1 
ATOM   149 O O   . ILE A 1 20  ? 2.895   -0.177  8.083   1.00 52.56 ? 1164 ILE A O   1 
ATOM   150 C CB  . ILE A 1 20  ? 1.996   -1.795  5.453   1.00 50.74 ? 1164 ILE A CB  1 
ATOM   151 C CG1 . ILE A 1 20  ? 1.048   -0.597  5.549   1.00 54.84 ? 1164 ILE A CG1 1 
ATOM   152 C CG2 . ILE A 1 20  ? 1.300   -3.022  4.841   1.00 50.08 ? 1164 ILE A CG2 1 
ATOM   153 C CD1 . ILE A 1 20  ? 0.574   -0.088  4.150   1.00 55.96 ? 1164 ILE A CD1 1 
ATOM   154 N N   . SER A 1 21  ? 4.664   -0.941  6.951   1.00 46.66 ? 1165 SER A N   1 
ATOM   155 C CA  . SER A 1 21  ? 5.488   0.247   7.175   1.00 47.22 ? 1165 SER A CA  1 
ATOM   156 C C   . SER A 1 21  ? 5.679   0.815   5.776   1.00 48.84 ? 1165 SER A C   1 
ATOM   157 O O   . SER A 1 21  ? 5.956   0.055   4.839   1.00 50.81 ? 1165 SER A O   1 
ATOM   158 C CB  . SER A 1 21  ? 6.839   -0.081  7.787   1.00 48.11 ? 1165 SER A CB  1 
ATOM   159 O OG  . SER A 1 21  ? 6.697   -0.779  9.001   1.00 53.10 ? 1165 SER A OG  1 
ATOM   160 N N   . ILE A 1 22  ? 5.539   2.125   5.635   1.00 47.18 ? 1166 ILE A N   1 
ATOM   161 C CA  . ILE A 1 22  ? 5.778   2.795   4.364   1.00 45.73 ? 1166 ILE A CA  1 
ATOM   162 C C   . ILE A 1 22  ? 6.956   3.741   4.447   1.00 48.47 ? 1166 ILE A C   1 
ATOM   163 O O   . ILE A 1 22  ? 7.286   4.295   5.507   1.00 50.61 ? 1166 ILE A O   1 
ATOM   164 C CB  . ILE A 1 22  ? 4.514   3.535   3.812   1.00 45.53 ? 1166 ILE A CB  1 
ATOM   165 C CG1 . ILE A 1 22  ? 4.045   4.650   4.784   1.00 50.15 ? 1166 ILE A CG1 1 
ATOM   166 C CG2 . ILE A 1 22  ? 3.389   2.539   3.545   1.00 46.88 ? 1166 ILE A CG2 1 
ATOM   167 C CD1 . ILE A 1 22  ? 3.112   5.675   4.122   1.00 51.72 ? 1166 ILE A CD1 1 
ATOM   168 N N   . VAL A 1 23  ? 7.580   3.950   3.296   1.00 47.10 ? 1167 VAL A N   1 
ATOM   169 C CA  . VAL A 1 23  ? 8.652   4.901   3.127   1.00 45.55 ? 1167 VAL A CA  1 
ATOM   170 C C   . VAL A 1 23  ? 8.409   5.706   1.866   1.00 47.61 ? 1167 VAL A C   1 
ATOM   171 O O   . VAL A 1 23  ? 7.651   5.292   1.001   1.00 47.41 ? 1167 VAL A O   1 
ATOM   172 C CB  . VAL A 1 23  ? 10.024  4.199   2.966   1.00 49.95 ? 1167 VAL A CB  1 
ATOM   173 C CG1 . VAL A 1 23  ? 10.479  3.602   4.280   1.00 54.49 ? 1167 VAL A CG1 1 
ATOM   174 C CG2 . VAL A 1 23  ? 9.946   3.160   1.879   1.00 47.33 ? 1167 VAL A CG2 1 
ATOM   175 N N   . GLY A 1 24  ? 9.034   6.873   1.785   1.00 51.22 ? 1168 GLY A N   1 
ATOM   176 C CA  . GLY A 1 24  ? 9.042   7.652   0.544   1.00 58.27 ? 1168 GLY A CA  1 
ATOM   177 C C   . GLY A 1 24  ? 8.038   8.779   0.548   1.00 58.55 ? 1168 GLY A C   1 
ATOM   178 O O   . GLY A 1 24  ? 7.283   8.931   1.492   1.00 64.26 ? 1168 GLY A O   1 
ATOM   179 N N   . GLY A 1 25  ? 8.042   9.585   -0.506  1.00 57.17 ? 1169 GLY A N   1 
ATOM   180 C CA  . GLY A 1 25  ? 7.083   10.672  -0.630  1.00 61.31 ? 1169 GLY A CA  1 
ATOM   181 C C   . GLY A 1 25  ? 7.656   12.074  -0.575  1.00 67.53 ? 1169 GLY A C   1 
ATOM   182 O O   . GLY A 1 25  ? 7.989   12.598  0.504   1.00 66.38 ? 1169 GLY A O   1 
ATOM   183 N N   . ARG A 1 26  ? 7.766   12.684  -1.753  1.00 71.75 ? 1170 ARG A N   1 
ATOM   184 C CA  . ARG A 1 26  ? 8.090   14.109  -1.876  1.00 69.44 ? 1170 ARG A CA  1 
ATOM   185 C C   . ARG A 1 26  ? 7.248   14.698  -2.996  1.00 70.99 ? 1170 ARG A C   1 
ATOM   186 O O   . ARG A 1 26  ? 6.019   14.635  -2.947  1.00 70.71 ? 1170 ARG A O   1 
ATOM   187 C CB  . ARG A 1 26  ? 9.581   14.326  -2.153  1.00 70.46 ? 1170 ARG A CB  1 
ATOM   188 N N   . GLY A 1 40  ? 7.610   8.326   -4.970  1.00 56.90 ? 1184 GLY A N   1 
ATOM   189 C CA  . GLY A 1 40  ? 6.552   7.374   -4.637  1.00 53.05 ? 1184 GLY A CA  1 
ATOM   190 C C   . GLY A 1 40  ? 6.463   6.942   -3.182  1.00 52.04 ? 1184 GLY A C   1 
ATOM   191 O O   . GLY A 1 40  ? 7.387   7.136   -2.410  1.00 51.78 ? 1184 GLY A O   1 
ATOM   192 N N   . ILE A 1 41  ? 5.325   6.349   -2.848  1.00 47.00 ? 1185 ILE A N   1 
ATOM   193 C CA  . ILE A 1 41  ? 5.099   5.704   -1.560  1.00 46.23 ? 1185 ILE A CA  1 
ATOM   194 C C   . ILE A 1 41  ? 5.309   4.187   -1.709  1.00 47.59 ? 1185 ILE A C   1 
ATOM   195 O O   . ILE A 1 41  ? 4.616   3.526   -2.502  1.00 46.34 ? 1185 ILE A O   1 
ATOM   196 C CB  . ILE A 1 41  ? 3.642   5.960   -1.097  1.00 51.29 ? 1185 ILE A CB  1 
ATOM   197 C CG1 . ILE A 1 41  ? 3.339   7.460   -1.086  1.00 48.58 ? 1185 ILE A CG1 1 
ATOM   198 C CG2 . ILE A 1 41  ? 3.401   5.359   0.267   1.00 50.55 ? 1185 ILE A CG2 1 
ATOM   199 C CD1 . ILE A 1 41  ? 4.236   8.270   -0.181  1.00 51.24 ? 1185 ILE A CD1 1 
ATOM   200 N N   . PHE A 1 42  ? 6.213   3.625   -0.907  1.00 46.90 ? 1186 PHE A N   1 
ATOM   201 C CA  . PHE A 1 42  ? 6.567   2.205   -0.980  1.00 45.07 ? 1186 PHE A CA  1 
ATOM   202 C C   . PHE A 1 42  ? 6.382   1.455   0.341   1.00 46.32 ? 1186 PHE A C   1 
ATOM   203 O O   . PHE A 1 42  ? 6.599   2.013   1.418   1.00 47.43 ? 1186 PHE A O   1 
ATOM   204 C CB  . PHE A 1 42  ? 8.028   2.080   -1.410  1.00 47.38 ? 1186 PHE A CB  1 
ATOM   205 C CG  . PHE A 1 42  ? 8.286   2.619   -2.783  1.00 43.84 ? 1186 PHE A CG  1 
ATOM   206 C CD1 . PHE A 1 42  ? 8.121   1.809   -3.888  1.00 46.76 ? 1186 PHE A CD1 1 
ATOM   207 C CD2 . PHE A 1 42  ? 8.641   3.937   -2.970  1.00 49.71 ? 1186 PHE A CD2 1 
ATOM   208 C CE1 . PHE A 1 42  ? 8.349   2.321   -5.171  1.00 42.31 ? 1186 PHE A CE1 1 
ATOM   209 C CE2 . PHE A 1 42  ? 8.855   4.447   -4.232  1.00 52.46 ? 1186 PHE A CE2 1 
ATOM   210 C CZ  . PHE A 1 42  ? 8.690   3.639   -5.333  1.00 44.71 ? 1186 PHE A CZ  1 
ATOM   211 N N   . ILE A 1 43  ? 5.998   0.186   0.251   1.00 43.49 ? 1187 ILE A N   1 
ATOM   212 C CA  . ILE A 1 43  ? 5.933   -0.702  1.409   1.00 43.33 ? 1187 ILE A CA  1 
ATOM   213 C C   . ILE A 1 43  ? 7.367   -1.123  1.757   1.00 47.08 ? 1187 ILE A C   1 
ATOM   214 O O   . ILE A 1 43  ? 8.101   -1.638  0.900   1.00 45.30 ? 1187 ILE A O   1 
ATOM   215 C CB  . ILE A 1 43  ? 5.045   -1.972  1.130   1.00 42.11 ? 1187 ILE A CB  1 
ATOM   216 C CG1 . ILE A 1 43  ? 3.611   -1.573  0.837   1.00 47.98 ? 1187 ILE A CG1 1 
ATOM   217 C CG2 . ILE A 1 43  ? 5.099   -2.981  2.280   1.00 41.26 ? 1187 ILE A CG2 1 
ATOM   218 C CD1 . ILE A 1 43  ? 2.748   -2.736  0.437   1.00 52.38 ? 1187 ILE A CD1 1 
ATOM   219 N N   . LYS A 1 44  ? 7.779   -0.863  3.001   1.00 44.01 ? 1188 LYS A N   1 
ATOM   220 C CA  . LYS A 1 44  ? 9.076   -1.285  3.521   1.00 45.83 ? 1188 LYS A CA  1 
ATOM   221 C C   . LYS A 1 44  ? 8.990   -2.656  4.165   1.00 43.34 ? 1188 LYS A C   1 
ATOM   222 O O   . LYS A 1 44  ? 9.851   -3.501  3.950   1.00 45.48 ? 1188 LYS A O   1 
ATOM   223 C CB  . LYS A 1 44  ? 9.592   -0.272  4.554   1.00 50.10 ? 1188 LYS A CB  1 
ATOM   224 C CG  . LYS A 1 44  ? 10.971  -0.585  5.170   1.00 58.73 ? 1188 LYS A CG  1 
ATOM   225 C CD  . LYS A 1 44  ? 12.108  -0.084  4.311   1.00 62.44 ? 1188 LYS A CD  1 
ATOM   226 C CE  . LYS A 1 44  ? 13.460  -0.446  4.927   1.00 61.24 ? 1188 LYS A CE  1 
ATOM   227 N NZ  . LYS A 1 44  ? 14.552  -0.247  3.945   1.00 73.70 ? 1188 LYS A NZ  1 
ATOM   228 N N   . HIS A 1 45  ? 7.950   -2.850  4.980   1.00 44.19 ? 1189 HIS A N   1 
ATOM   229 C CA  . HIS A 1 45  ? 7.728   -4.086  5.730   1.00 44.33 ? 1189 HIS A CA  1 
ATOM   230 C C   . HIS A 1 45  ? 6.275   -4.436  5.817   1.00 42.92 ? 1189 HIS A C   1 
ATOM   231 O O   . HIS A 1 45  ? 5.416   -3.540  5.817   1.00 44.00 ? 1189 HIS A O   1 
ATOM   232 C CB  . HIS A 1 45  ? 8.256   -3.947  7.166   1.00 45.59 ? 1189 HIS A CB  1 
ATOM   233 C CG  . HIS A 1 45  ? 9.746   -3.988  7.257   1.00 50.70 ? 1189 HIS A CG  1 
ATOM   234 N ND1 . HIS A 1 45  ? 10.503  -2.887  7.590   1.00 61.40 ? 1189 HIS A ND1 1 
ATOM   235 C CD2 . HIS A 1 45  ? 10.620  -4.993  7.032   1.00 50.83 ? 1189 HIS A CD2 1 
ATOM   236 C CE1 . HIS A 1 45  ? 11.780  -3.219  7.588   1.00 48.94 ? 1189 HIS A CE1 1 
ATOM   237 N NE2 . HIS A 1 45  ? 11.880  -4.491  7.252   1.00 58.65 ? 1189 HIS A NE2 1 
ATOM   238 N N   . VAL A 1 46  ? 6.043   -5.753  5.904   1.00 43.61 ? 1190 VAL A N   1 
ATOM   239 C CA  . VAL A 1 46  ? 4.737   -6.330  6.159   1.00 44.46 ? 1190 VAL A CA  1 
ATOM   240 C C   . VAL A 1 46  ? 4.803   -7.244  7.386   1.00 43.47 ? 1190 VAL A C   1 
ATOM   241 O O   . VAL A 1 46  ? 5.593   -8.172  7.456   1.00 42.45 ? 1190 VAL A O   1 
ATOM   242 C CB  . VAL A 1 46  ? 4.241   -7.117  4.922   1.00 43.59 ? 1190 VAL A CB  1 
ATOM   243 C CG1 . VAL A 1 46  ? 2.925   -7.779  5.230   1.00 46.39 ? 1190 VAL A CG1 1 
ATOM   244 C CG2 . VAL A 1 46  ? 4.099   -6.172  3.752   1.00 42.47 ? 1190 VAL A CG2 1 
ATOM   245 N N   . LEU A 1 47  ? 3.969   -6.955  8.377   1.00 42.82 ? 1191 LEU A N   1 
ATOM   246 C CA  . LEU A 1 47  ? 3.883   -7.785  9.564   1.00 44.79 ? 1191 LEU A CA  1 
ATOM   247 C C   . LEU A 1 47  ? 3.030   -9.020  9.264   1.00 43.62 ? 1191 LEU A C   1 
ATOM   248 O O   . LEU A 1 47  ? 1.900   -8.892  8.819   1.00 45.12 ? 1191 LEU A O   1 
ATOM   249 C CB  . LEU A 1 47  ? 3.255   -7.016  10.722  1.00 47.08 ? 1191 LEU A CB  1 
ATOM   250 C CG  . LEU A 1 47  ? 3.997   -5.776  11.208  1.00 50.85 ? 1191 LEU A CG  1 
ATOM   251 C CD1 . LEU A 1 47  ? 3.305   -5.184  12.426  1.00 50.77 ? 1191 LEU A CD1 1 
ATOM   252 C CD2 . LEU A 1 47  ? 5.433   -6.150  11.557  1.00 54.30 ? 1191 LEU A CD2 1 
ATOM   253 N N   . GLU A 1 48  ? 3.596   -10.186 9.527   1.00 45.66 ? 1192 GLU A N   1 
ATOM   254 C CA  . GLU A 1 48  ? 2.940   -11.469 9.252   1.00 46.98 ? 1192 GLU A CA  1 
ATOM   255 C C   . GLU A 1 48  ? 1.584   -11.564 9.950   1.00 50.86 ? 1192 GLU A C   1 
ATOM   256 O O   . GLU A 1 48  ? 0.589   -11.971 9.343   1.00 53.15 ? 1192 GLU A O   1 
ATOM   257 C CB  . GLU A 1 48  ? 3.847   -12.629 9.673   1.00 52.24 ? 1192 GLU A CB  1 
ATOM   258 C CG  . GLU A 1 48  ? 5.124   -12.731 8.845   1.00 49.72 ? 1192 GLU A CG  1 
ATOM   259 N N   . ASP A 1 49  ? 1.539   -11.176 11.218  1.00 47.97 ? 1193 ASP A N   1 
ATOM   260 C CA  . ASP A 1 49  ? 0.309   -11.274 11.989  1.00 52.88 ? 1193 ASP A CA  1 
ATOM   261 C C   . ASP A 1 49  ? -0.423  -9.949  11.966  1.00 54.52 ? 1193 ASP A C   1 
ATOM   262 O O   . ASP A 1 49  ? -0.373  -9.162  12.925  1.00 54.05 ? 1193 ASP A O   1 
ATOM   263 C CB  . ASP A 1 49  ? 0.613   -11.724 13.427  1.00 56.67 ? 1193 ASP A CB  1 
ATOM   264 C CG  . ASP A 1 49  ? -0.617  -12.210 14.156  1.00 61.96 ? 1193 ASP A CG  1 
ATOM   265 O OD1 . ASP A 1 49  ? -1.742  -11.858 13.739  1.00 69.47 ? 1193 ASP A OD1 1 
ATOM   266 O OD2 . ASP A 1 49  ? -0.459  -12.952 15.148  1.00 64.97 ? 1193 ASP A OD2 1 
ATOM   267 N N   . SER A 1 50  ? -1.073  -9.676  10.838  1.00 48.33 ? 1194 SER A N   1 
ATOM   268 C CA  . SER A 1 50  ? -1.767  -8.424  10.631  1.00 46.36 ? 1194 SER A CA  1 
ATOM   269 C C   . SER A 1 50  ? -2.689  -8.603  9.442   1.00 47.13 ? 1194 SER A C   1 
ATOM   270 O O   . SER A 1 50  ? -2.548  -9.572  8.712   1.00 48.58 ? 1194 SER A O   1 
ATOM   271 C CB  . SER A 1 50  ? -0.775  -7.292  10.291  1.00 48.61 ? 1194 SER A CB  1 
ATOM   272 O OG  . SER A 1 50  ? -0.211  -7.549  8.998   1.00 46.63 ? 1194 SER A OG  1 
ATOM   273 N N   . PRO A 1 51  ? -3.616  -7.662  9.227   1.00 49.98 ? 1195 PRO A N   1 
ATOM   274 C CA  . PRO A 1 51  ? -4.416  -7.666  7.985   1.00 49.99 ? 1195 PRO A CA  1 
ATOM   275 C C   . PRO A 1 51  ? -3.590  -7.726  6.688   1.00 49.03 ? 1195 PRO A C   1 
ATOM   276 O O   . PRO A 1 51  ? -3.953  -8.482  5.768   1.00 48.39 ? 1195 PRO A O   1 
ATOM   277 C CB  . PRO A 1 51  ? -5.228  -6.377  8.097   1.00 49.90 ? 1195 PRO A CB  1 
ATOM   278 C CG  . PRO A 1 51  ? -5.401  -6.210  9.578   1.00 50.33 ? 1195 PRO A CG  1 
ATOM   279 C CD  . PRO A 1 51  ? -4.030  -6.574  10.125  1.00 48.96 ? 1195 PRO A CD  1 
ATOM   280 N N   . ALA A 1 52  ? -2.486  -6.982  6.625   1.00 47.81 ? 1196 ALA A N   1 
ATOM   281 C CA  . ALA A 1 52  ? -1.577  -7.016  5.453   1.00 48.71 ? 1196 ALA A CA  1 
ATOM   282 C C   . ALA A 1 52  ? -0.911  -8.378  5.293   1.00 48.02 ? 1196 ALA A C   1 
ATOM   283 O O   . ALA A 1 52  ? -0.750  -8.894  4.169   1.00 48.34 ? 1196 ALA A O   1 
ATOM   284 C CB  . ALA A 1 52  ? -0.506  -5.935  5.579   1.00 46.22 ? 1196 ALA A CB  1 
ATOM   285 N N   . GLY A 1 53  ? -0.494  -8.968  6.412   1.00 46.16 ? 1197 GLY A N   1 
ATOM   286 C CA  . GLY A 1 53  ? 0.179   -10.252 6.377   1.00 48.54 ? 1197 GLY A CA  1 
ATOM   287 C C   . GLY A 1 53  ? -0.797  -11.315 5.919   1.00 50.71 ? 1197 GLY A C   1 
ATOM   288 O O   . GLY A 1 53  ? -0.478  -12.151 5.055   1.00 48.91 ? 1197 GLY A O   1 
ATOM   289 N N   . LYS A 1 54  ? -1.993  -11.281 6.497   1.00 46.87 ? 1198 LYS A N   1 
ATOM   290 C CA  . LYS A 1 54  ? -3.017  -12.276 6.163   1.00 51.02 ? 1198 LYS A CA  1 
ATOM   291 C C   . LYS A 1 54  ? -3.439  -12.222 4.687   1.00 50.66 ? 1198 LYS A C   1 
ATOM   292 O O   . LYS A 1 54  ? -3.714  -13.263 4.086   1.00 51.91 ? 1198 LYS A O   1 
ATOM   293 C CB  . LYS A 1 54  ? -4.228  -12.111 7.076   1.00 54.08 ? 1198 LYS A CB  1 
ATOM   294 C CG  . LYS A 1 54  ? -4.040  -12.750 8.447   1.00 59.48 ? 1198 LYS A CG  1 
ATOM   295 C CD  . LYS A 1 54  ? -5.079  -12.233 9.447   1.00 71.65 ? 1198 LYS A CD  1 
ATOM   296 C CE  . LYS A 1 54  ? -4.584  -12.343 10.879  1.00 75.74 ? 1198 LYS A CE  1 
ATOM   297 N NZ  . LYS A 1 54  ? -5.661  -12.019 11.855  1.00 77.84 ? 1198 LYS A NZ  1 
ATOM   298 N N   . ASN A 1 55  ? -3.502  -11.027 4.110   1.00 49.08 ? 1199 ASN A N   1 
ATOM   299 C CA  . ASN A 1 55  ? -3.787  -10.888 2.684   1.00 50.09 ? 1199 ASN A CA  1 
ATOM   300 C C   . ASN A 1 55  ? -2.789  -11.705 1.858   1.00 50.47 ? 1199 ASN A C   1 
ATOM   301 O O   . ASN A 1 55  ? -3.161  -12.410 0.921   1.00 46.96 ? 1199 ASN A O   1 
ATOM   302 C CB  . ASN A 1 55  ? -3.791  -9.415  2.282   1.00 47.92 ? 1199 ASN A CB  1 
ATOM   303 C CG  . ASN A 1 55  ? -3.801  -9.212  0.771   1.00 46.17 ? 1199 ASN A CG  1 
ATOM   304 O OD1 . ASN A 1 55  ? -2.742  -9.162  0.129   1.00 48.97 ? 1199 ASN A OD1 1 
ATOM   305 N ND2 . ASN A 1 55  ? -4.997  -9.072  0.198   1.00 49.70 ? 1199 ASN A ND2 1 
ATOM   306 N N   . GLY A 1 56  ? -1.514  -11.607 2.207   1.00 52.59 ? 1200 GLY A N   1 
ATOM   307 C CA  . GLY A 1 56  ? -0.497  -12.451 1.602   1.00 55.44 ? 1200 GLY A CA  1 
ATOM   308 C C   . GLY A 1 56  ? 0.073   -11.919 0.298   1.00 54.64 ? 1200 GLY A C   1 
ATOM   309 O O   . GLY A 1 56  ? 0.997   -12.526 -0.234  1.00 60.02 ? 1200 GLY A O   1 
ATOM   310 N N   . THR A 1 57  ? -0.461  -10.820 -0.243  1.00 48.44 ? 1201 THR A N   1 
ATOM   311 C CA  . THR A 1 57  ? -0.003  -10.364 -1.566  1.00 47.79 ? 1201 THR A CA  1 
ATOM   312 C C   . THR A 1 57  ? 0.860   -9.136  -1.550  1.00 52.23 ? 1201 THR A C   1 
ATOM   313 O O   . THR A 1 57  ? 1.449   -8.771  -2.574  1.00 54.81 ? 1201 THR A O   1 
ATOM   314 C CB  . THR A 1 57  ? -1.163  -10.219 -2.586  1.00 52.07 ? 1201 THR A CB  1 
ATOM   315 O OG1 . THR A 1 57  ? -1.910  -9.012  -2.352  1.00 50.70 ? 1201 THR A OG1 1 
ATOM   316 C CG2 . THR A 1 57  ? -2.075  -11.419 -2.493  1.00 49.03 ? 1201 THR A CG2 1 
ATOM   317 N N   . LEU A 1 58  ? 0.946   -8.484  -0.387  1.00 49.87 ? 1202 LEU A N   1 
ATOM   318 C CA  . LEU A 1 58  ? 1.745   -7.288  -0.247  1.00 47.03 ? 1202 LEU A CA  1 
ATOM   319 C C   . LEU A 1 58  ? 3.150   -7.657  0.185   1.00 49.32 ? 1202 LEU A C   1 
ATOM   320 O O   . LEU A 1 58  ? 3.340   -8.551  0.999   1.00 53.58 ? 1202 LEU A O   1 
ATOM   321 C CB  . LEU A 1 58  ? 1.104   -6.340  0.759   1.00 47.79 ? 1202 LEU A CB  1 
ATOM   322 C CG  . LEU A 1 58  ? -0.256  -5.782  0.372   1.00 48.51 ? 1202 LEU A CG  1 
ATOM   323 C CD1 . LEU A 1 58  ? -0.849  -5.002  1.552   1.00 53.37 ? 1202 LEU A CD1 1 
ATOM   324 C CD2 . LEU A 1 58  ? -0.200  -4.897  -0.858  1.00 49.17 ? 1202 LEU A CD2 1 
ATOM   325 N N   . LYS A 1 59  ? 4.139   -6.980  -0.398  1.00 49.98 ? 1203 LYS A N   1 
ATOM   326 C CA  . LYS A 1 59  ? 5.529   -7.275  -0.119  1.00 48.51 ? 1203 LYS A CA  1 
ATOM   327 C C   . LYS A 1 59  ? 6.373   -6.018  -0.143  1.00 43.31 ? 1203 LYS A C   1 
ATOM   328 O O   . LYS A 1 59  ? 6.010   -5.021  -0.781  1.00 45.46 ? 1203 LYS A O   1 
ATOM   329 C CB  . LYS A 1 59  ? 6.080   -8.282  -1.124  1.00 49.61 ? 1203 LYS A CB  1 
ATOM   330 C CG  . LYS A 1 59  ? 6.032   -7.824  -2.571  1.00 52.73 ? 1203 LYS A CG  1 
ATOM   331 C CD  . LYS A 1 59  ? 6.336   -8.996  -3.537  1.00 54.14 ? 1203 LYS A CD  1 
ATOM   332 C CE  . LYS A 1 59  ? 5.523   -8.898  -4.835  1.00 58.84 ? 1203 LYS A CE  1 
ATOM   333 N NZ  . LYS A 1 59  ? 5.675   -7.582  -5.501  1.00 53.66 ? 1203 LYS A NZ  1 
ATOM   334 N N   . PRO A 1 60  ? 7.514   -6.058  0.549   1.00 44.17 ? 1204 PRO A N   1 
ATOM   335 C CA  . PRO A 1 60  ? 8.435   -4.935  0.491   1.00 46.52 ? 1204 PRO A CA  1 
ATOM   336 C C   . PRO A 1 60  ? 8.781   -4.541  -0.942  1.00 47.11 ? 1204 PRO A C   1 
ATOM   337 O O   . PRO A 1 60  ? 9.029   -5.415  -1.780  1.00 46.23 ? 1204 PRO A O   1 
ATOM   338 C CB  . PRO A 1 60  ? 9.660   -5.471  1.221   1.00 48.69 ? 1204 PRO A CB  1 
ATOM   339 C CG  . PRO A 1 60  ? 9.107   -6.421  2.209   1.00 45.44 ? 1204 PRO A CG  1 
ATOM   340 C CD  . PRO A 1 60  ? 8.012   -7.120  1.449   1.00 48.71 ? 1204 PRO A CD  1 
ATOM   341 N N   . GLY A 1 61  ? 8.794   -3.243  -1.220  1.00 44.56 ? 1205 GLY A N   1 
ATOM   342 C CA  . GLY A 1 61  ? 9.134   -2.739  -2.533  1.00 44.84 ? 1205 GLY A CA  1 
ATOM   343 C C   . GLY A 1 61  ? 7.918   -2.385  -3.376  1.00 44.24 ? 1205 GLY A C   1 
ATOM   344 O O   . GLY A 1 61  ? 8.055   -1.652  -4.358  1.00 41.41 ? 1205 GLY A O   1 
ATOM   345 N N   . ASP A 1 62  ? 6.740   -2.873  -2.981  1.00 42.47 ? 1206 ASP A N   1 
ATOM   346 C CA  . ASP A 1 62  ? 5.484   -2.569  -3.679  1.00 41.06 ? 1206 ASP A CA  1 
ATOM   347 C C   . ASP A 1 62  ? 5.218   -1.102  -3.577  1.00 45.01 ? 1206 ASP A C   1 
ATOM   348 O O   . ASP A 1 62  ? 5.447   -0.497  -2.516  1.00 46.11 ? 1206 ASP A O   1 
ATOM   349 C CB  . ASP A 1 62  ? 4.295   -3.318  -3.074  1.00 41.90 ? 1206 ASP A CB  1 
ATOM   350 C CG  . ASP A 1 62  ? 4.208   -4.777  -3.481  1.00 46.66 ? 1206 ASP A CG  1 
ATOM   351 O OD1 . ASP A 1 62  ? 4.990   -5.249  -4.332  1.00 47.23 ? 1206 ASP A OD1 1 
ATOM   352 O OD2 . ASP A 1 62  ? 3.322   -5.455  -2.905  1.00 48.50 ? 1206 ASP A OD2 1 
ATOM   353 N N   . ARG A 1 63  ? 4.743   -0.513  -4.669  1.00 42.82 ? 1207 ARG A N   1 
ATOM   354 C CA  . ARG A 1 63  ? 4.390   0.900   -4.680  1.00 45.89 ? 1207 ARG A CA  1 
ATOM   355 C C   . ARG A 1 63  ? 2.900   1.079   -4.432  1.00 44.37 ? 1207 ARG A C   1 
ATOM   356 O O   . ARG A 1 63  ? 2.085   0.460   -5.082  1.00 42.85 ? 1207 ARG A O   1 
ATOM   357 C CB  . ARG A 1 63  ? 4.750   1.560   -6.010  1.00 42.05 ? 1207 ARG A CB  1 
ATOM   358 C CG  . ARG A 1 63  ? 4.502   3.059   -5.946  1.00 49.19 ? 1207 ARG A CG  1 
ATOM   359 C CD  . ARG A 1 63  ? 5.187   3.789   -7.003  1.00 47.88 ? 1207 ARG A CD  1 
ATOM   360 N NE  . ARG A 1 63  ? 4.854   5.219   -7.006  1.00 45.06 ? 1207 ARG A NE  1 
ATOM   361 C CZ  . ARG A 1 63  ? 5.275   6.045   -7.944  1.00 44.83 ? 1207 ARG A CZ  1 
ATOM   362 N NH1 . ARG A 1 63  ? 6.052   5.567   -8.890  1.00 40.86 ? 1207 ARG A NH1 1 
ATOM   363 N NH2 . ARG A 1 63  ? 4.930   7.330   -7.946  1.00 50.73 ? 1207 ARG A NH2 1 
ATOM   364 N N   . ILE A 1 64  ? 2.535   1.895   -3.437  1.00 43.69 ? 1208 ILE A N   1 
ATOM   365 C CA  . ILE A 1 64  ? 1.149   2.226   -3.212  1.00 45.90 ? 1208 ILE A CA  1 
ATOM   366 C C   . ILE A 1 64  ? 0.810   3.441   -4.074  1.00 46.28 ? 1208 ILE A C   1 
ATOM   367 O O   . ILE A 1 64  ? 1.337   4.535   -3.886  1.00 47.06 ? 1208 ILE A O   1 
ATOM   368 C CB  . ILE A 1 64  ? 0.845   2.508   -1.724  1.00 45.17 ? 1208 ILE A CB  1 
ATOM   369 C CG1 . ILE A 1 64  ? 1.276   1.321   -0.849  1.00 47.82 ? 1208 ILE A CG1 1 
ATOM   370 C CG2 . ILE A 1 64  ? -0.659  2.785   -1.592  1.00 47.73 ? 1208 ILE A CG2 1 
ATOM   371 C CD1 . ILE A 1 64  ? 1.110   1.544   0.669   1.00 54.82 ? 1208 ILE A CD1 1 
ATOM   372 N N   . VAL A 1 65  ? -0.075  3.239   -5.031  1.00 42.66 ? 1209 VAL A N   1 
ATOM   373 C CA  . VAL A 1 65  ? -0.440  4.285   -5.965  1.00 41.41 ? 1209 VAL A CA  1 
ATOM   374 C C   . VAL A 1 65  ? -1.769  4.987   -5.674  1.00 44.82 ? 1209 VAL A C   1 
ATOM   375 O O   . VAL A 1 65  ? -1.979  6.106   -6.147  1.00 44.73 ? 1209 VAL A O   1 
ATOM   376 C CB  . VAL A 1 65  ? -0.351  3.793   -7.437  1.00 45.51 ? 1209 VAL A CB  1 
ATOM   377 C CG1 . VAL A 1 65  ? 1.124   3.455   -7.757  1.00 45.95 ? 1209 VAL A CG1 1 
ATOM   378 C CG2 . VAL A 1 65  ? -1.262  2.667   -7.727  1.00 48.51 ? 1209 VAL A CG2 1 
ATOM   379 N N   . GLU A 1 66  ? -2.676  4.312   -4.980  1.00 48.34 ? 1210 GLU A N   1 
ATOM   380 C CA  . GLU A 1 66  ? -3.967  4.897   -4.572  1.00 47.26 ? 1210 GLU A CA  1 
ATOM   381 C C   . GLU A 1 66  ? -4.363  4.278   -3.247  1.00 47.77 ? 1210 GLU A C   1 
ATOM   382 O O   . GLU A 1 66  ? -4.015  3.130   -2.957  1.00 47.56 ? 1210 GLU A O   1 
ATOM   383 C CB  . GLU A 1 66  ? -5.084  4.632   -5.553  1.00 49.53 ? 1210 GLU A CB  1 
ATOM   384 C CG  . GLU A 1 66  ? -4.815  5.078   -6.973  1.00 48.23 ? 1210 GLU A CG  1 
ATOM   385 C CD  . GLU A 1 66  ? -6.019  5.011   -7.868  1.00 57.81 ? 1210 GLU A CD  1 
ATOM   386 O OE1 . GLU A 1 66  ? -7.124  4.599   -7.443  1.00 56.69 ? 1210 GLU A OE1 1 
ATOM   387 O OE2 . GLU A 1 66  ? -5.838  5.370   -9.053  1.00 65.29 ? 1210 GLU A OE2 1 
ATOM   388 N N   . VAL A 1 67  ? -5.105  5.042   -2.451  1.00 50.52 ? 1211 VAL A N   1 
ATOM   389 C CA  . VAL A 1 67  ? -5.803  4.483   -1.290  1.00 47.07 ? 1211 VAL A CA  1 
ATOM   390 C C   . VAL A 1 67  ? -7.231  5.032   -1.377  1.00 47.86 ? 1211 VAL A C   1 
ATOM   391 O O   . VAL A 1 67  ? -7.451  6.258   -1.467  1.00 50.21 ? 1211 VAL A O   1 
ATOM   392 C CB  . VAL A 1 67  ? -5.142  4.788   0.054   1.00 49.52 ? 1211 VAL A CB  1 
ATOM   393 C CG1 . VAL A 1 67  ? -5.006  6.307   0.310   1.00 53.09 ? 1211 VAL A CG1 1 
ATOM   394 C CG2 . VAL A 1 67  ? -5.904  4.052   1.194   1.00 49.32 ? 1211 VAL A CG2 1 
ATOM   395 N N   . ASP A 1 68  ? -8.182  4.113   -1.418  1.00 48.41 ? 1212 ASP A N   1 
ATOM   396 C CA  . ASP A 1 68  ? -9.609  4.443   -1.498  1.00 51.14 ? 1212 ASP A CA  1 
ATOM   397 C C   . ASP A 1 68  ? -9.959  5.441   -2.594  1.00 54.83 ? 1212 ASP A C   1 
ATOM   398 O O   . ASP A 1 68  ? -10.811 6.320   -2.414  1.00 58.32 ? 1212 ASP A O   1 
ATOM   399 C CB  . ASP A 1 68  ? -10.069 4.966   -0.147  1.00 52.59 ? 1212 ASP A CB  1 
ATOM   400 C CG  . ASP A 1 68  ? -9.970  3.939   0.936   1.00 55.83 ? 1212 ASP A CG  1 
ATOM   401 O OD1 . ASP A 1 68  ? -10.148 2.738   0.676   1.00 53.40 ? 1212 ASP A OD1 1 
ATOM   402 O OD2 . ASP A 1 68  ? -9.752  4.336   2.080   1.00 54.73 ? 1212 ASP A OD2 1 
ATOM   403 N N   . GLY A 1 69  ? -9.325  5.283   -3.752  1.00 53.52 ? 1213 GLY A N   1 
ATOM   404 C CA  . GLY A 1 69  ? -9.609  6.128   -4.901  1.00 54.40 ? 1213 GLY A CA  1 
ATOM   405 C C   . GLY A 1 69  ? -8.785  7.381   -4.982  1.00 54.36 ? 1213 GLY A C   1 
ATOM   406 O O   . GLY A 1 69  ? -8.796  8.064   -6.018  1.00 55.98 ? 1213 GLY A O   1 
ATOM   407 N N   . MET A 1 70  ? -8.070  7.694   -3.903  1.00 52.76 ? 1214 MET A N   1 
ATOM   408 C CA  . MET A 1 70  ? -7.244  8.881   -3.821  1.00 55.95 ? 1214 MET A CA  1 
ATOM   409 C C   . MET A 1 70  ? -5.875  8.581   -4.377  1.00 47.87 ? 1214 MET A C   1 
ATOM   410 O O   . MET A 1 70  ? -5.191  7.683   -3.911  1.00 49.84 ? 1214 MET A O   1 
ATOM   411 C CB  . MET A 1 70  ? -7.076  9.348   -2.372  1.00 56.10 ? 1214 MET A CB  1 
ATOM   412 C CG  . MET A 1 70  ? -6.290  10.654  -2.235  1.00 63.65 ? 1214 MET A CG  1 
ATOM   413 S SD  . MET A 1 70  ? -5.733  11.035  -0.554  1.00 68.96 ? 1214 MET A SD  1 
ATOM   414 C CE  . MET A 1 70  ? -4.404  12.194  -0.906  1.00 69.35 ? 1214 MET A CE  1 
ATOM   415 N N   . ASP A 1 71  ? -5.469  9.392   -5.327  1.00 50.52 ? 1215 ASP A N   1 
ATOM   416 C CA  . ASP A 1 71  ? -4.130  9.317   -5.906  1.00 50.60 ? 1215 ASP A CA  1 
ATOM   417 C C   . ASP A 1 71  ? -3.003  9.575   -4.925  1.00 54.71 ? 1215 ASP A C   1 
ATOM   418 O O   . ASP A 1 71  ? -2.973  10.618  -4.255  1.00 53.02 ? 1215 ASP A O   1 
ATOM   419 C CB  . ASP A 1 71  ? -4.082  10.323  -7.060  1.00 51.87 ? 1215 ASP A CB  1 
ATOM   420 C CG  . ASP A 1 71  ? -2.998  10.037  -8.046  1.00 57.44 ? 1215 ASP A CG  1 
ATOM   421 O OD1 . ASP A 1 71  ? -2.212  9.097   -7.847  1.00 51.54 ? 1215 ASP A OD1 1 
ATOM   422 O OD2 . ASP A 1 71  ? -2.940  10.772  -9.037  1.00 56.98 ? 1215 ASP A OD2 1 
ATOM   423 N N   . LEU A 1 72  ? -2.070  8.617   -4.825  1.00 50.43 ? 1216 LEU A N   1 
ATOM   424 C CA  . LEU A 1 72  ? -0.859  8.762   -4.024  1.00 47.97 ? 1216 LEU A CA  1 
ATOM   425 C C   . LEU A 1 72  ? 0.418   8.676   -4.855  1.00 47.12 ? 1216 LEU A C   1 
ATOM   426 O O   . LEU A 1 72  ? 1.526   8.642   -4.318  1.00 48.60 ? 1216 LEU A O   1 
ATOM   427 C CB  . LEU A 1 72  ? -0.785  7.678   -2.926  1.00 46.88 ? 1216 LEU A CB  1 
ATOM   428 C CG  . LEU A 1 72  ? -1.889  7.631   -1.884  1.00 50.31 ? 1216 LEU A CG  1 
ATOM   429 C CD1 . LEU A 1 72  ? -1.555  6.476   -0.900  1.00 52.91 ? 1216 LEU A CD1 1 
ATOM   430 C CD2 . LEU A 1 72  ? -1.945  8.998   -1.156  1.00 53.16 ? 1216 LEU A CD2 1 
ATOM   431 N N   . ARG A 1 73  ? 0.281   8.707   -6.173  1.00 47.76 ? 1217 ARG A N   1 
ATOM   432 C CA  . ARG A 1 73  ? 1.478   8.624   -7.013  1.00 49.01 ? 1217 ARG A CA  1 
ATOM   433 C C   . ARG A 1 73  ? 2.508   9.711   -6.654  1.00 51.60 ? 1217 ARG A C   1 
ATOM   434 O O   . ARG A 1 73  ? 3.697   9.424   -6.496  1.00 51.49 ? 1217 ARG A O   1 
ATOM   435 C CB  . ARG A 1 73  ? 1.091   8.676   -8.491  1.00 47.05 ? 1217 ARG A CB  1 
ATOM   436 C CG  . ARG A 1 73  ? 0.329   7.444   -8.982  1.00 46.24 ? 1217 ARG A CG  1 
ATOM   437 C CD  . ARG A 1 73  ? -0.456  7.664   -10.261 1.00 49.61 ? 1217 ARG A CD  1 
ATOM   438 N NE  . ARG A 1 73  ? -1.145  6.434   -10.658 1.00 55.29 ? 1217 ARG A NE  1 
ATOM   439 C CZ  . ARG A 1 73  ? -2.328  6.024   -10.200 1.00 55.76 ? 1217 ARG A CZ  1 
ATOM   440 N NH1 . ARG A 1 73  ? -2.987  6.725   -9.285  1.00 58.20 ? 1217 ARG A NH1 1 
ATOM   441 N NH2 . ARG A 1 73  ? -2.855  4.897   -10.655 1.00 55.13 ? 1217 ARG A NH2 1 
ATOM   442 N N   . ASP A 1 74  ? 2.047   10.948  -6.488  1.00 50.01 ? 1218 ASP A N   1 
ATOM   443 C CA  . ASP A 1 74  ? 2.937   12.058  -6.178  1.00 52.94 ? 1218 ASP A CA  1 
ATOM   444 C C   . ASP A 1 74  ? 2.764   12.599  -4.763  1.00 54.53 ? 1218 ASP A C   1 
ATOM   445 O O   . ASP A 1 74  ? 3.213   13.715  -4.474  1.00 55.68 ? 1218 ASP A O   1 
ATOM   446 C CB  . ASP A 1 74  ? 2.674   13.183  -7.173  1.00 57.40 ? 1218 ASP A CB  1 
ATOM   447 C CG  . ASP A 1 74  ? 2.911   12.758  -8.590  1.00 62.96 ? 1218 ASP A CG  1 
ATOM   448 O OD1 . ASP A 1 74  ? 4.079   12.463  -8.912  1.00 71.11 ? 1218 ASP A OD1 1 
ATOM   449 O OD2 . ASP A 1 74  ? 1.938   12.726  -9.376  1.00 72.48 ? 1218 ASP A OD2 1 
ATOM   450 N N   . ALA A 1 75  ? 2.134   11.813  -3.891  1.00 53.23 ? 1219 ALA A N   1 
ATOM   451 C CA  . ALA A 1 75  ? 1.871   12.205  -2.500  1.00 54.69 ? 1219 ALA A CA  1 
ATOM   452 C C   . ALA A 1 75  ? 3.150   12.402  -1.714  1.00 53.19 ? 1219 ALA A C   1 
ATOM   453 O O   . ALA A 1 75  ? 4.141   11.688  -1.929  1.00 54.01 ? 1219 ALA A O   1 
ATOM   454 C CB  . ALA A 1 75  ? 1.006   11.134  -1.813  1.00 54.23 ? 1219 ALA A CB  1 
ATOM   455 N N   . SER A 1 76  ? 3.153   13.358  -0.783  1.00 54.92 ? 1220 SER A N   1 
ATOM   456 C CA  . SER A 1 76  ? 4.221   13.431  0.210   1.00 52.31 ? 1220 SER A CA  1 
ATOM   457 C C   . SER A 1 76  ? 4.016   12.298  1.208   1.00 52.11 ? 1220 SER A C   1 
ATOM   458 O O   . SER A 1 76  ? 2.926   11.737  1.304   1.00 51.24 ? 1220 SER A O   1 
ATOM   459 C CB  . SER A 1 76  ? 4.197   14.761  0.963   1.00 53.27 ? 1220 SER A CB  1 
ATOM   460 O OG  . SER A 1 76  ? 2.972   14.909  1.663   1.00 51.40 ? 1220 SER A OG  1 
ATOM   461 N N   . HIS A 1 77  ? 5.078   11.953  1.941   1.00 49.85 ? 1221 HIS A N   1 
ATOM   462 C CA  . HIS A 1 77  ? 5.001   10.933  2.987   1.00 49.72 ? 1221 HIS A CA  1 
ATOM   463 C C   . HIS A 1 77  ? 3.874   11.255  3.966   1.00 51.99 ? 1221 HIS A C   1 
ATOM   464 O O   . HIS A 1 77  ? 3.036   10.410  4.240   1.00 48.84 ? 1221 HIS A O   1 
ATOM   465 C CB  . HIS A 1 77  ? 6.324   10.871  3.779   1.00 49.82 ? 1221 HIS A CB  1 
ATOM   466 C CG  . HIS A 1 77  ? 6.414   9.699   4.700   1.00 49.47 ? 1221 HIS A CG  1 
ATOM   467 N ND1 . HIS A 1 77  ? 6.825   8.458   4.278   1.00 50.68 ? 1221 HIS A ND1 1 
ATOM   468 C CD2 . HIS A 1 77  ? 6.102   9.564   6.014   1.00 49.24 ? 1221 HIS A CD2 1 
ATOM   469 C CE1 . HIS A 1 77  ? 6.796   7.617   5.296   1.00 54.30 ? 1221 HIS A CE1 1 
ATOM   470 N NE2 . HIS A 1 77  ? 6.364   8.266   6.363   1.00 49.85 ? 1221 HIS A NE2 1 
ATOM   471 N N   . GLU A 1 78  ? 3.856   12.492  4.486   1.00 51.94 ? 1222 GLU A N   1 
ATOM   472 C CA  . GLU A 1 78  ? 2.792   12.882  5.430   1.00 52.05 ? 1222 GLU A CA  1 
ATOM   473 C C   . GLU A 1 78  ? 1.383   12.776  4.865   1.00 48.31 ? 1222 GLU A C   1 
ATOM   474 O O   . GLU A 1 78  ? 0.452   12.380  5.578   1.00 52.86 ? 1222 GLU A O   1 
ATOM   475 C CB  . GLU A 1 78  ? 3.033   14.303  5.982   1.00 53.30 ? 1222 GLU A CB  1 
ATOM   476 N N   . GLN A 1 79  ? 1.211   13.141  3.595   1.00 50.59 ? 1223 GLN A N   1 
ATOM   477 C CA  . GLN A 1 79  ? -0.086  13.024  2.917   1.00 52.27 ? 1223 GLN A CA  1 
ATOM   478 C C   . GLN A 1 79  ? -0.584  11.587  2.892   1.00 51.41 ? 1223 GLN A C   1 
ATOM   479 O O   . GLN A 1 79  ? -1.747  11.320  3.158   1.00 51.38 ? 1223 GLN A O   1 
ATOM   480 C CB  . GLN A 1 79  ? 0.026   13.448  1.454   1.00 53.68 ? 1223 GLN A CB  1 
ATOM   481 C CG  . GLN A 1 79  ? -0.932  14.498  1.027   1.00 64.74 ? 1223 GLN A CG  1 
ATOM   482 C CD  . GLN A 1 79  ? -0.642  14.959  -0.393  1.00 66.75 ? 1223 GLN A CD  1 
ATOM   483 O OE1 . GLN A 1 79  ? 0.518   15.201  -0.758  1.00 61.31 ? 1223 GLN A OE1 1 
ATOM   484 N NE2 . GLN A 1 79  ? -1.691  15.078  -1.202  1.00 77.96 ? 1223 GLN A NE2 1 
ATOM   485 N N   . ALA A 1 80  ? 0.316   10.679  2.515   1.00 52.31 ? 1224 ALA A N   1 
ATOM   486 C CA  . ALA A 1 80  ? 0.037   9.246   2.467   1.00 49.94 ? 1224 ALA A CA  1 
ATOM   487 C C   . ALA A 1 80  ? -0.332  8.676   3.810   1.00 49.83 ? 1224 ALA A C   1 
ATOM   488 O O   . ALA A 1 80  ? -1.276  7.898   3.941   1.00 49.47 ? 1224 ALA A O   1 
ATOM   489 C CB  . ALA A 1 80  ? 1.260   8.483   1.916   1.00 52.36 ? 1224 ALA A CB  1 
ATOM   490 N N   . VAL A 1 81  ? 0.452   9.029   4.816   1.00 46.24 ? 1225 VAL A N   1 
ATOM   491 C CA  . VAL A 1 81  ? 0.234   8.541   6.164   1.00 46.87 ? 1225 VAL A CA  1 
ATOM   492 C C   . VAL A 1 81  ? -1.164  8.938   6.638   1.00 45.03 ? 1225 VAL A C   1 
ATOM   493 O O   . VAL A 1 81  ? -1.912  8.127   7.156   1.00 48.22 ? 1225 VAL A O   1 
ATOM   494 C CB  . VAL A 1 81  ? 1.289   9.080   7.130   1.00 48.46 ? 1225 VAL A CB  1 
ATOM   495 C CG1 . VAL A 1 81  ? 0.859   8.826   8.576   1.00 49.65 ? 1225 VAL A CG1 1 
ATOM   496 C CG2 . VAL A 1 81  ? 2.669   8.417   6.877   1.00 48.63 ? 1225 VAL A CG2 1 
ATOM   497 N N   . GLU A 1 82  ? -1.540  10.185  6.425   1.00 48.84 ? 1226 GLU A N   1 
ATOM   498 C CA  . GLU A 1 82  ? -2.859  10.656  6.900   1.00 48.18 ? 1226 GLU A CA  1 
ATOM   499 C C   . GLU A 1 82  ? -3.981  9.971   6.141   1.00 52.57 ? 1226 GLU A C   1 
ATOM   500 O O   . GLU A 1 82  ? -4.979  9.552   6.710   1.00 50.25 ? 1226 GLU A O   1 
ATOM   501 C CB  . GLU A 1 82  ? -2.986  12.188  6.768   1.00 50.60 ? 1226 GLU A CB  1 
ATOM   502 C CG  . GLU A 1 82  ? -4.326  12.700  7.242   1.00 54.47 ? 1226 GLU A CG  1 
ATOM   503 C CD  . GLU A 1 82  ? -4.455  14.222  7.281   1.00 54.36 ? 1226 GLU A CD  1 
ATOM   504 O OE1 . GLU A 1 82  ? -5.486  14.698  7.803   1.00 53.95 ? 1226 GLU A OE1 1 
ATOM   505 O OE2 . GLU A 1 82  ? -3.548  14.936  6.807   1.00 68.58 ? 1226 GLU A OE2 1 
ATOM   506 N N   . ALA A 1 83  ? -3.797  9.833   4.840   1.00 51.28 ? 1227 ALA A N   1 
ATOM   507 C CA  . ALA A 1 83  ? -4.848  9.273   3.994   1.00 51.42 ? 1227 ALA A CA  1 
ATOM   508 C C   . ALA A 1 83  ? -5.090  7.848   4.371   1.00 51.70 ? 1227 ALA A C   1 
ATOM   509 O O   . ALA A 1 83  ? -6.235  7.382   4.354   1.00 53.29 ? 1227 ALA A O   1 
ATOM   510 C CB  . ALA A 1 83  ? -4.478  9.391   2.513   1.00 51.72 ? 1227 ALA A CB  1 
ATOM   511 N N   . ILE A 1 84  ? -4.024  7.120   4.716   1.00 48.20 ? 1228 ILE A N   1 
ATOM   512 C CA  . ILE A 1 84  ? -4.174  5.708   5.054   1.00 48.42 ? 1228 ILE A CA  1 
ATOM   513 C C   . ILE A 1 84  ? -4.717  5.567   6.476   1.00 47.65 ? 1228 ILE A C   1 
ATOM   514 O O   . ILE A 1 84  ? -5.627  4.756   6.712   1.00 50.37 ? 1228 ILE A O   1 
ATOM   515 C CB  . ILE A 1 84  ? -2.856  4.934   4.880   1.00 47.26 ? 1228 ILE A CB  1 
ATOM   516 C CG1 . ILE A 1 84  ? -2.473  4.891   3.393   1.00 53.28 ? 1228 ILE A CG1 1 
ATOM   517 C CG2 . ILE A 1 84  ? -2.955  3.553   5.475   1.00 50.42 ? 1228 ILE A CG2 1 
ATOM   518 C CD1 . ILE A 1 84  ? -1.016  4.608   3.149   1.00 54.13 ? 1228 ILE A CD1 1 
ATOM   519 N N   . ARG A 1 85  ? -4.223  6.389   7.409   1.00 48.77 ? 1229 ARG A N   1 
ATOM   520 C CA  . ARG A 1 85  ? -4.730  6.365   8.786   1.00 51.11 ? 1229 ARG A CA  1 
ATOM   521 C C   . ARG A 1 85  ? -6.193  6.692   8.850   1.00 49.13 ? 1229 ARG A C   1 
ATOM   522 O O   . ARG A 1 85  ? -6.898  6.128   9.678   1.00 49.43 ? 1229 ARG A O   1 
ATOM   523 C CB  . ARG A 1 85  ? -3.993  7.349   9.702   1.00 47.89 ? 1229 ARG A CB  1 
ATOM   524 C CG  . ARG A 1 85  ? -2.725  6.793   10.302  1.00 54.53 ? 1229 ARG A CG  1 
ATOM   525 C CD  . ARG A 1 85  ? -2.013  7.831   11.152  1.00 57.77 ? 1229 ARG A CD  1 
ATOM   526 N NE  . ARG A 1 85  ? -0.735  7.296   11.616  1.00 64.41 ? 1229 ARG A NE  1 
ATOM   527 C CZ  . ARG A 1 85  ? 0.321   8.021   11.977  1.00 68.82 ? 1229 ARG A CZ  1 
ATOM   528 N NH1 . ARG A 1 85  ? 0.296   9.350   11.937  1.00 76.16 ? 1229 ARG A NH1 1 
ATOM   529 N NH2 . ARG A 1 85  ? 1.421   7.398   12.379  1.00 67.70 ? 1229 ARG A NH2 1 
ATOM   530 N N   . LYS A 1 86  ? -6.633  7.587   7.966   1.00 47.15 ? 1230 LYS A N   1 
ATOM   531 C CA  . LYS A 1 86  ? -8.051  8.028   7.913   1.00 48.43 ? 1230 LYS A CA  1 
ATOM   532 C C   . LYS A 1 86  ? -8.914  7.231   6.931   1.00 53.03 ? 1230 LYS A C   1 
ATOM   533 O O   . LYS A 1 86  ? -10.054 7.623   6.629   1.00 51.98 ? 1230 LYS A O   1 
ATOM   534 C CB  . LYS A 1 86  ? -8.128  9.525   7.627   1.00 49.27 ? 1230 LYS A CB  1 
ATOM   535 C CG  . LYS A 1 86  ? -7.575  10.356  8.779   1.00 48.79 ? 1230 LYS A CG  1 
ATOM   536 C CD  . LYS A 1 86  ? -7.659  11.834  8.511   1.00 48.74 ? 1230 LYS A CD  1 
ATOM   537 C CE  . LYS A 1 86  ? -7.086  12.618  9.672   1.00 46.90 ? 1230 LYS A CE  1 
ATOM   538 N NZ  . LYS A 1 86  ? -7.258  14.076  9.521   1.00 45.19 ? 1230 LYS A NZ  1 
ATOM   539 N N   . ALA A 1 87  ? -8.399  6.098   6.443   1.00 51.74 ? 1231 ALA A N   1 
ATOM   540 C CA  . ALA A 1 87  ? -9.214  5.188   5.629   1.00 51.69 ? 1231 ALA A CA  1 
ATOM   541 C C   . ALA A 1 87  ? -10.289 4.505   6.473   1.00 50.83 ? 1231 ALA A C   1 
ATOM   542 O O   . ALA A 1 87  ? -10.157 4.373   7.684   1.00 55.52 ? 1231 ALA A O   1 
ATOM   543 C CB  . ALA A 1 87  ? -8.327  4.138   4.924   1.00 53.64 ? 1231 ALA A CB  1 
ATOM   544 N N   . GLY A 1 88  ? -11.348 4.062   5.806   1.00 54.00 ? 1232 GLY A N   1 
ATOM   545 C CA  . GLY A 1 88  ? -12.436 3.362   6.451   1.00 55.60 ? 1232 GLY A CA  1 
ATOM   546 C C   . GLY A 1 88  ? -12.136 1.881   6.551   1.00 57.34 ? 1232 GLY A C   1 
ATOM   547 O O   . GLY A 1 88  ? -11.026 1.467   6.908   1.00 59.79 ? 1232 GLY A O   1 
ATOM   548 N N   . ASN A 1 89  ? -13.117 1.068   6.206   1.00 49.37 ? 1233 ASN A N   1 
ATOM   549 C CA  . ASN A 1 89  ? -12.973 -0.378  6.326   1.00 45.97 ? 1233 ASN A CA  1 
ATOM   550 C C   . ASN A 1 89  ? -13.885 -0.990  5.308   1.00 48.45 ? 1233 ASN A C   1 
ATOM   551 O O   . ASN A 1 89  ? -15.109 -0.745  5.348   1.00 49.36 ? 1233 ASN A O   1 
ATOM   552 C CB  . ASN A 1 89  ? -13.333 -0.917  7.721   1.00 47.73 ? 1233 ASN A CB  1 
ATOM   553 C CG  . ASN A 1 89  ? -12.910 -2.371  7.915   1.00 42.24 ? 1233 ASN A CG  1 
ATOM   554 O OD1 . ASN A 1 89  ? -11.832 -2.758  7.458   1.00 46.04 ? 1233 ASN A OD1 1 
ATOM   555 N ND2 . ASN A 1 89  ? -13.684 -3.144  8.682   1.00 44.09 ? 1233 ASN A ND2 1 
ATOM   556 N N   . PRO A 1 90  ? -13.320 -1.777  4.375   1.00 44.40 ? 1234 PRO A N   1 
ATOM   557 C CA  . PRO A 1 90  ? -11.898 -2.091  4.187   1.00 44.90 ? 1234 PRO A CA  1 
ATOM   558 C C   . PRO A 1 90  ? -11.096 -0.930  3.678   1.00 45.29 ? 1234 PRO A C   1 
ATOM   559 O O   . PRO A 1 90  ? -11.668 0.064   3.181   1.00 46.01 ? 1234 PRO A O   1 
ATOM   560 C CB  . PRO A 1 90  ? -11.934 -3.218  3.129   1.00 47.54 ? 1234 PRO A CB  1 
ATOM   561 C CG  . PRO A 1 90  ? -13.120 -2.940  2.370   1.00 46.62 ? 1234 PRO A CG  1 
ATOM   562 C CD  . PRO A 1 90  ? -14.145 -2.429  3.352   1.00 44.18 ? 1234 PRO A CD  1 
ATOM   563 N N   . VAL A 1 91  ? -9.780  -1.037  3.818   1.00 44.50 ? 1235 VAL A N   1 
ATOM   564 C CA  . VAL A 1 91  ? -8.849  -0.058  3.250   1.00 46.32 ? 1235 VAL A CA  1 
ATOM   565 C C   . VAL A 1 91  ? -8.522  -0.599  1.874   1.00 51.19 ? 1235 VAL A C   1 
ATOM   566 O O   . VAL A 1 91  ? -8.044  -1.707  1.798   1.00 47.54 ? 1235 VAL A O   1 
ATOM   567 C CB  . VAL A 1 91  ? -7.589  0.035   4.070   1.00 49.09 ? 1235 VAL A CB  1 
ATOM   568 C CG1 . VAL A 1 91  ? -6.607  1.021   3.460   1.00 51.49 ? 1235 VAL A CG1 1 
ATOM   569 C CG2 . VAL A 1 91  ? -7.961  0.443   5.511   1.00 51.18 ? 1235 VAL A CG2 1 
ATOM   570 N N   . VAL A 1 92  ? -8.802  0.152   0.822   1.00 45.26 ? 1236 VAL A N   1 
ATOM   571 C CA  . VAL A 1 92  ? -8.581  -0.351  -0.569  1.00 44.79 ? 1236 VAL A CA  1 
ATOM   572 C C   . VAL A 1 92  ? -7.357  0.317   -1.139  1.00 49.73 ? 1236 VAL A C   1 
ATOM   573 O O   . VAL A 1 92  ? -7.319  1.559   -1.292  1.00 51.64 ? 1236 VAL A O   1 
ATOM   574 C CB  . VAL A 1 92  ? -9.768  -0.052  -1.468  1.00 48.23 ? 1236 VAL A CB  1 
ATOM   575 C CG1 . VAL A 1 92  ? -9.511  -0.597  -2.881  1.00 49.56 ? 1236 VAL A CG1 1 
ATOM   576 C CG2 . VAL A 1 92  ? -11.055 -0.668  -0.851  1.00 49.29 ? 1236 VAL A CG2 1 
ATOM   577 N N   . PHE A 1 93  ? -6.345  -0.491  -1.450  1.00 46.49 ? 1237 PHE A N   1 
ATOM   578 C CA  . PHE A 1 93  ? -5.128  0.026   -2.065  1.00 45.35 ? 1237 PHE A CA  1 
ATOM   579 C C   . PHE A 1 93  ? -5.089  -0.404  -3.528  1.00 45.15 ? 1237 PHE A C   1 
ATOM   580 O O   . PHE A 1 93  ? -5.640  -1.459  -3.888  1.00 44.24 ? 1237 PHE A O   1 
ATOM   581 C CB  . PHE A 1 93  ? -3.871  -0.552  -1.406  1.00 44.51 ? 1237 PHE A CB  1 
ATOM   582 C CG  . PHE A 1 93  ? -3.657  -0.147  0.023   1.00 48.64 ? 1237 PHE A CG  1 
ATOM   583 C CD1 . PHE A 1 93  ? -3.999  -1.003  1.037   1.00 56.04 ? 1237 PHE A CD1 1 
ATOM   584 C CD2 . PHE A 1 93  ? -3.167  1.108   0.335   1.00 52.96 ? 1237 PHE A CD2 1 
ATOM   585 C CE1 . PHE A 1 93  ? -3.806  -0.646  2.346   1.00 57.65 ? 1237 PHE A CE1 1 
ATOM   586 C CE2 . PHE A 1 93  ? -2.963  1.473   1.651   1.00 56.63 ? 1237 PHE A CE2 1 
ATOM   587 C CZ  . PHE A 1 93  ? -3.257  0.600   2.637   1.00 52.76 ? 1237 PHE A CZ  1 
ATOM   588 N N   . MET A 1 94  ? -4.459  0.444   -4.351  1.00 45.27 ? 1238 MET A N   1 
ATOM   589 C CA  . MET A 1 94  ? -3.996  0.041   -5.681  1.00 41.49 ? 1238 MET A CA  1 
ATOM   590 C C   . MET A 1 94  ? -2.486  0.010   -5.504  1.00 40.61 ? 1238 MET A C   1 
ATOM   591 O O   . MET A 1 94  ? -1.858  0.968   -5.048  1.00 42.73 ? 1238 MET A O   1 
ATOM   592 C CB  . MET A 1 94  ? -4.425  1.027   -6.769  1.00 42.57 ? 1238 MET A CB  1 
ATOM   593 C CG  . MET A 1 94  ? -5.940  1.137   -6.971  1.00 47.13 ? 1238 MET A CG  1 
ATOM   594 S SD  . MET A 1 94  ? -6.757  -0.406  -7.406  1.00 51.86 ? 1238 MET A SD  1 
ATOM   595 C CE  . MET A 1 94  ? -5.889  -0.834  -8.897  1.00 50.42 ? 1238 MET A CE  1 
ATOM   596 N N   . VAL A 1 95  ? -1.896  -1.126  -5.836  1.00 42.47 ? 1239 VAL A N   1 
ATOM   597 C CA  A VAL A 1 95  ? -0.493  -1.395  -5.614  0.50 39.76 ? 1239 VAL A CA  1 
ATOM   598 C CA  B VAL A 1 95  ? -0.464  -1.279  -5.661  0.50 40.49 ? 1239 VAL A CA  1 
ATOM   599 C C   . VAL A 1 95  ? 0.194   -1.776  -6.938  1.00 40.53 ? 1239 VAL A C   1 
ATOM   600 O O   . VAL A 1 95  ? -0.391  -2.507  -7.696  1.00 39.66 ? 1239 VAL A O   1 
ATOM   601 C CB  A VAL A 1 95  ? -0.369  -2.570  -4.640  0.50 43.40 ? 1239 VAL A CB  1 
ATOM   602 C CB  B VAL A 1 95  ? -0.098  -2.213  -4.495  0.50 45.87 ? 1239 VAL A CB  1 
ATOM   603 C CG1 A VAL A 1 95  ? 1.078   -2.827  -4.284  0.50 41.44 ? 1239 VAL A CG1 1 
ATOM   604 C CG1 B VAL A 1 95  ? -0.622  -1.653  -3.155  0.50 43.55 ? 1239 VAL A CG1 1 
ATOM   605 C CG2 A VAL A 1 95  ? -1.178  -2.301  -3.353  0.50 47.25 ? 1239 VAL A CG2 1 
ATOM   606 C CG2 B VAL A 1 95  ? -0.612  -3.614  -4.744  0.50 41.41 ? 1239 VAL A CG2 1 
ATOM   607 N N   . GLN A 1 96  ? 1.411   -1.298  -7.159  1.00 41.86 ? 1240 GLN A N   1 
ATOM   608 C CA  . GLN A 1 96  ? 2.219   -1.734  -8.310  1.00 40.33 ? 1240 GLN A CA  1 
ATOM   609 C C   . GLN A 1 96  ? 3.229   -2.742  -7.772  1.00 44.42 ? 1240 GLN A C   1 
ATOM   610 O O   . GLN A 1 96  ? 4.129   -2.369  -7.050  1.00 46.44 ? 1240 GLN A O   1 
ATOM   611 C CB  . GLN A 1 96  ? 2.901   -0.523  -8.937  1.00 39.67 ? 1240 GLN A CB  1 
ATOM   612 C CG  . GLN A 1 96  ? 3.670   -0.820  -10.228 1.00 48.51 ? 1240 GLN A CG  1 
ATOM   613 C CD  . GLN A 1 96  ? 2.779   -0.938  -11.456 1.00 61.22 ? 1240 GLN A CD  1 
ATOM   614 O OE1 . GLN A 1 96  ? 1.593   -0.615  -11.423 1.00 62.06 ? 1240 GLN A OE1 1 
ATOM   615 N NE2 . GLN A 1 96  ? 3.360   -1.398  -12.554 1.00 56.43 ? 1240 GLN A NE2 1 
ATOM   616 N N   . SER A 1 97  ? 3.049   -4.021  -8.098  1.00 46.26 ? 1241 SER A N   1 
ATOM   617 C CA  . SER A 1 97  ? 3.861   -5.113  -7.541  1.00 49.34 ? 1241 SER A CA  1 
ATOM   618 C C   . SER A 1 97  ? 4.937   -5.601  -8.507  1.00 47.19 ? 1241 SER A C   1 
ATOM   619 O O   . SER A 1 97  ? 5.932   -6.232  -8.107  1.00 48.75 ? 1241 SER A O   1 
ATOM   620 C CB  . SER A 1 97  ? 2.955   -6.288  -7.137  1.00 53.71 ? 1241 SER A CB  1 
ATOM   621 O OG  . SER A 1 97  ? 2.151   -5.918  -6.022  1.00 63.41 ? 1241 SER A OG  1 
ATOM   622 N N   . ILE A 1 98  ? 4.766   -5.302  -9.784  1.00 39.34 ? 1242 ILE A N   1 
ATOM   623 C CA  . ILE A 1 98  ? 5.733   -5.725  -10.764 1.00 42.03 ? 1242 ILE A CA  1 
ATOM   624 C C   . ILE A 1 98  ? 6.564   -4.533  -11.248 1.00 44.38 ? 1242 ILE A C   1 
ATOM   625 O O   . ILE A 1 98  ? 6.025   -3.498  -11.641 1.00 47.01 ? 1242 ILE A O   1 
ATOM   626 C CB  . ILE A 1 98  ? 5.051   -6.436  -11.955 1.00 43.55 ? 1242 ILE A CB  1 
ATOM   627 C CG1 . ILE A 1 98  ? 4.401   -7.738  -11.484 1.00 49.85 ? 1242 ILE A CG1 1 
ATOM   628 C CG2 . ILE A 1 98  ? 6.075   -6.774  -13.031 1.00 42.23 ? 1242 ILE A CG2 1 
ATOM   629 C CD1 . ILE A 1 98  ? 3.093   -8.026  -12.167 1.00 52.03 ? 1242 ILE A CD1 1 
ATOM   630 N N   . ILE A 1 99  ? 7.880   -4.694  -11.189 1.00 47.97 ? 1243 ILE A N   1 
ATOM   631 C CA  . ILE A 1 99  ? 8.823   -3.694  -11.669 1.00 50.51 ? 1243 ILE A CA  1 
ATOM   632 C C   . ILE A 1 99  ? 9.580   -4.296  -12.845 1.00 50.31 ? 1243 ILE A C   1 
ATOM   633 O O   . ILE A 1 99  ? 9.882   -5.483  -12.845 1.00 48.90 ? 1243 ILE A O   1 
ATOM   634 C CB  . ILE A 1 99  ? 9.867   -3.327  -10.573 1.00 55.27 ? 1243 ILE A CB  1 
ATOM   635 N N   . SER A 1 100 ? 9.816   -3.493  -13.873 1.00 47.42 ? 1244 SER A N   1 
ATOM   636 C CA  . SER A 1 100 ? 10.744  -3.871  -14.920 1.00 48.29 ? 1244 SER A CA  1 
ATOM   637 C C   . SER A 1 100 ? 11.840  -2.858  -14.860 1.00 48.20 ? 1244 SER A C   1 
ATOM   638 O O   . SER A 1 100 ? 11.615  -1.686  -14.497 1.00 44.19 ? 1244 SER A O   1 
ATOM   639 C CB  . SER A 1 100 ? 10.110  -3.876  -16.311 1.00 51.02 ? 1244 SER A CB  1 
ATOM   640 O OG  . SER A 1 100 ? 9.765   -2.558  -16.737 1.00 56.01 ? 1244 SER A OG  1 
ATOM   641 N N   . THR A 1 101 ? 13.046  -3.297  -15.203 1.00 35.91 ? 1245 THR A N   1 
ATOM   642 C CA  . THR A 1 101 ? 14.172  -2.424  -15.196 1.00 37.09 ? 1245 THR A CA  1 
ATOM   643 C C   . THR A 1 101 ? 14.891  -2.541  -16.502 1.00 36.98 ? 1245 THR A C   1 
ATOM   644 O O   . THR A 1 101 ? 15.156  -3.666  -16.975 1.00 37.19 ? 1245 THR A O   1 
ATOM   645 C CB  . THR A 1 101 ? 15.115  -2.715  -14.026 1.00 37.00 ? 1245 THR A CB  1 
ATOM   646 O OG1 . THR A 1 101 ? 14.397  -2.575  -12.763 1.00 37.50 ? 1245 THR A OG1 1 
ATOM   647 C CG2 . THR A 1 101 ? 16.304  -1.761  -14.070 1.00 38.92 ? 1245 THR A CG2 1 
ATOM   648 N N   . ARG A 1 102 ? 15.207  -1.391  -17.088 1.00 36.70 ? 1246 ARG A N   1 
ATOM   649 C CA  . ARG A 1 102 ? 15.917  -1.306  -18.341 1.00 38.95 ? 1246 ARG A CA  1 
ATOM   650 C C   . ARG A 1 102 ? 17.401  -1.286  -18.064 1.00 42.77 ? 1246 ARG A C   1 
ATOM   651 O O   . ARG A 1 102 ? 17.911  -0.446  -17.280 1.00 40.28 ? 1246 ARG A O   1 
ATOM   652 C CB  . ARG A 1 102 ? 15.449  -0.065  -19.161 1.00 42.15 ? 1246 ARG A CB  1 
ATOM   653 C CG  . ARG A 1 102 ? 15.919  -0.106  -20.589 1.00 52.40 ? 1246 ARG A CG  1 
ATOM   654 C CD  . ARG A 1 102 ? 15.341  0.979   -21.588 1.00 55.49 ? 1246 ARG A CD  1 
ATOM   655 N NE  . ARG A 1 102 ? 13.995  1.530   -21.343 1.00 72.72 ? 1246 ARG A NE  1 
ATOM   656 C CZ  . ARG A 1 102 ? 12.900  1.354   -22.102 1.00 62.99 ? 1246 ARG A CZ  1 
ATOM   657 N NH1 . ARG A 1 102 ? 12.887  0.565   -23.170 1.00 53.14 ? 1246 ARG A NH1 1 
ATOM   658 N NH2 . ARG A 1 102 ? 11.763  1.955   -21.755 1.00 45.20 ? 1246 ARG A NH2 1 
ATOM   659 N N   . LEU A 1 103 ? 18.117  -2.226  -18.689 1.00 35.31 ? 1247 LEU A N   1 
ATOM   660 C CA  . LEU A 1 103 ? 19.588  -2.339  -18.545 1.00 37.48 ? 1247 LEU A CA  1 
ATOM   661 C C   . LEU A 1 103 ? 20.328  -2.210  -19.878 1.00 43.20 ? 1247 LEU A C   1 
ATOM   662 O O   . LEU A 1 103 ? 19.758  -2.367  -20.953 1.00 41.12 ? 1247 LEU A O   1 
ATOM   663 C CB  . LEU A 1 103 ? 19.946  -3.681  -17.915 1.00 38.91 ? 1247 LEU A CB  1 
ATOM   664 C CG  . LEU A 1 103 ? 19.441  -3.941  -16.494 1.00 45.16 ? 1247 LEU A CG  1 
ATOM   665 C CD1 . LEU A 1 103 ? 19.407  -5.442  -16.231 1.00 48.99 ? 1247 LEU A CD1 1 
ATOM   666 C CD2 . LEU A 1 103 ? 20.298  -3.232  -15.485 1.00 52.61 ? 1247 LEU A CD2 1 
ATOM   667 O OXT . LEU A 1 103 ? 21.535  -1.954  -19.893 1.00 45.98 ? 1247 LEU A OXT 1 
HETATM 668 O O   . HOH B 2 .   ? 3.080   6.349   -4.793  1.00 37.80 ? 118  HOH A O   1 
HETATM 669 O O   . HOH B 2 .   ? -7.779  -7.998  -1.863  1.00 46.04 ? 119  HOH A O   1 
HETATM 670 O O   . HOH B 2 .   ? 8.385   -7.607  5.796   1.00 43.20 ? 120  HOH A O   1 
HETATM 671 O O   . HOH B 2 .   ? -8.188  -8.576  8.690   1.00 49.66 ? 121  HOH A O   1 
HETATM 672 O O   . HOH B 2 .   ? -6.408  -0.750  11.552  1.00 55.76 ? 123  HOH A O   1 
HETATM 673 O O   . HOH B 2 .   ? 14.775  1.161   -15.830 1.00 42.47 ? 124  HOH A O   1 
HETATM 674 O O   . HOH B 2 .   ? 1.011   -9.702  2.502   1.00 45.78 ? 125  HOH A O   1 
HETATM 675 O O   . HOH B 2 .   ? -7.902  2.720   -4.199  1.00 48.68 ? 126  HOH A O   1 
HETATM 676 O O   . HOH B 2 .   ? -3.566  13.269  2.861   1.00 42.88 ? 127  HOH A O   1 
HETATM 677 O O   . HOH B 2 .   ? -1.294  2.369   -14.927 1.00 46.14 ? 128  HOH A O   1 
HETATM 678 O O   . HOH B 2 .   ? 5.047   10.329  -3.852  1.00 59.13 ? 130  HOH A O   1 
HETATM 679 O O   . HOH B 2 .   ? 0.906   -4.373  -10.616 1.00 60.76 ? 132  HOH A O   1 
HETATM 680 O O   . HOH B 2 .   ? -13.698 0.344   1.457   1.00 51.40 ? 133  HOH A O   1 
HETATM 681 O O   . HOH B 2 .   ? -5.322  -9.235  -2.808  1.00 49.62 ? 134  HOH A O   1 
HETATM 682 O O   . HOH B 2 .   ? -7.280  -8.142  5.366   1.00 50.80 ? 135  HOH A O   1 
HETATM 683 O O   . HOH B 2 .   ? -6.040  -3.470  11.701  1.00 47.15 ? 137  HOH A O   1 
HETATM 684 O O   . HOH B 2 .   ? 0.437   12.650  8.421   1.00 52.07 ? 138  HOH A O   1 
HETATM 685 O O   . HOH B 2 .   ? -7.213  -9.046  2.417   1.00 51.92 ? 139  HOH A O   1 
HETATM 686 O O   . HOH B 2 .   ? 5.548   -10.491 6.091   1.00 63.22 ? 141  HOH A O   1 
HETATM 687 O O   . HOH B 2 .   ? -0.603  12.094  -5.889  1.00 63.72 ? 142  HOH A O   1 
HETATM 688 O O   . HOH B 2 .   ? -12.653 2.132   -0.221  1.00 49.23 ? 144  HOH A O   1 
HETATM 689 O O   . HOH B 2 .   ? 5.057   -2.552  10.396  1.00 64.39 ? 146  HOH A O   1 
HETATM 690 O O   . HOH B 2 .   ? 12.089  -5.044  3.626   1.00 65.56 ? 147  HOH A O   1 
HETATM 691 O O   . HOH B 2 .   ? -11.316 -8.361  0.406   1.00 63.86 ? 149  HOH A O   1 
HETATM 692 O O   . HOH B 2 .   ? -11.632 2.833   3.493   1.00 45.95 ? 150  HOH A O   1 
HETATM 693 O O   . HOH B 2 .   ? -6.961  -5.683  -9.545  1.00 55.72 ? 151  HOH A O   1 
HETATM 694 O O   . HOH B 2 .   ? -3.084  -5.860  -12.243 1.00 72.12 ? 152  HOH A O   1 
HETATM 695 O O   . HOH B 2 .   ? 10.551  -0.306  -4.894  1.00 64.90 ? 153  HOH A O   1 
HETATM 696 O O   A HOH B 2 .   ? 10.984  -0.068  -1.048  0.50 48.76 ? 154  HOH A O   1 
HETATM 697 O O   B HOH B 2 .   ? 11.326  -0.378  0.488   0.50 46.67 ? 154  HOH A O   1 
HETATM 698 O O   A HOH B 2 .   ? -15.185 2.366   4.073   0.50 38.51 ? 155  HOH A O   1 
HETATM 699 O O   B HOH B 2 .   ? -16.455 1.389   2.696   0.50 45.19 ? 155  HOH A O   1 
HETATM 700 O O   . HOH B 2 .   ? 3.015   -6.570  -19.341 1.00 57.27 ? 156  HOH A O   1 
HETATM 701 O O   . HOH B 2 .   ? -5.863  -1.712  -12.550 1.00 68.13 ? 157  HOH A O   1 
HETATM 702 O O   . HOH B 2 .   ? -14.295 -2.137  -1.012  1.00 59.36 ? 158  HOH A O   1 
HETATM 703 O O   . HOH B 2 .   ? 13.796  0.245   1.390   1.00 73.95 ? 159  HOH A O   1 
HETATM 704 O O   . HOH B 2 .   ? -3.044  15.683  4.545   1.00 54.02 ? 160  HOH A O   1 
HETATM 705 O O   . HOH B 2 .   ? 7.251   3.000   -9.569  1.00 51.47 ? 162  HOH A O   1 
HETATM 706 O O   . HOH B 2 .   ? 10.793  8.203   3.572   1.00 58.18 ? 163  HOH A O   1 
HETATM 707 O O   . HOH B 2 .   ? 1.402   -7.450  14.453  1.00 57.42 ? 167  HOH A O   1 
HETATM 708 O O   . HOH B 2 .   ? -9.944  4.548   -8.219  1.00 66.67 ? 169  HOH A O   1 
# 
loop_
_pdbx_poly_seq_scheme.asym_id 
_pdbx_poly_seq_scheme.entity_id 
_pdbx_poly_seq_scheme.seq_id 
_pdbx_poly_seq_scheme.mon_id 
_pdbx_poly_seq_scheme.ndb_seq_num 
_pdbx_poly_seq_scheme.pdb_seq_num 
_pdbx_poly_seq_scheme.auth_seq_num 
_pdbx_poly_seq_scheme.pdb_mon_id 
_pdbx_poly_seq_scheme.auth_mon_id 
_pdbx_poly_seq_scheme.pdb_strand_id 
_pdbx_poly_seq_scheme.pdb_ins_code 
_pdbx_poly_seq_scheme.hetero 
A 1 1   GLN 1   1145 1145 GLN GLN A . n 
A 1 2   SER 2   1146 1146 SER SER A . n 
A 1 3   MET 3   1147 1147 MET MET A . n 
A 1 4   GLN 4   1148 1148 GLN GLN A . n 
A 1 5   PRO 5   1149 1149 PRO PRO A . n 
A 1 6   ARG 6   1150 1150 ARG ARG A . n 
A 1 7   ARG 7   1151 1151 ARG ARG A . n 
A 1 8   VAL 8   1152 1152 VAL VAL A . n 
A 1 9   GLU 9   1153 1153 GLU GLU A . n 
A 1 10  LEU 10  1154 1154 LEU LEU A . n 
A 1 11  TRP 11  1155 1155 TRP TRP A . n 
A 1 12  ARG 12  1156 1156 ARG ARG A . n 
A 1 13  GLU 13  1157 1157 GLU GLU A . n 
A 1 14  PRO 14  1158 1158 PRO PRO A . n 
A 1 15  SER 15  1159 ?    ?   ?   A . n 
A 1 16  LYS 16  1160 1160 LYS LYS A . n 
A 1 17  SER 17  1161 1161 SER SER A . n 
A 1 18  LEU 18  1162 1162 LEU LEU A . n 
A 1 19  GLY 19  1163 1163 GLY GLY A . n 
A 1 20  ILE 20  1164 1164 ILE ILE A . n 
A 1 21  SER 21  1165 1165 SER SER A . n 
A 1 22  ILE 22  1166 1166 ILE ILE A . n 
A 1 23  VAL 23  1167 1167 VAL VAL A . n 
A 1 24  GLY 24  1168 1168 GLY GLY A . n 
A 1 25  GLY 25  1169 1169 GLY GLY A . n 
A 1 26  ARG 26  1170 1170 ARG ARG A . n 
A 1 27  GLY 27  1171 ?    ?   ?   A . n 
A 1 28  MET 28  1172 ?    ?   ?   A . n 
A 1 29  GLY 29  1173 ?    ?   ?   A . n 
A 1 30  SER 30  1174 ?    ?   ?   A . n 
A 1 31  ARG 31  1175 ?    ?   ?   A . n 
A 1 32  LEU 32  1176 ?    ?   ?   A . n 
A 1 33  SER 33  1177 ?    ?   ?   A . n 
A 1 34  ASN 34  1178 ?    ?   ?   A . n 
A 1 35  GLY 35  1179 ?    ?   ?   A . n 
A 1 36  GLU 36  1180 ?    ?   ?   A . n 
A 1 37  VAL 37  1181 ?    ?   ?   A . n 
A 1 38  MET 38  1182 ?    ?   ?   A . n 
A 1 39  ARG 39  1183 ?    ?   ?   A . n 
A 1 40  GLY 40  1184 1184 GLY GLY A . n 
A 1 41  ILE 41  1185 1185 ILE ILE A . n 
A 1 42  PHE 42  1186 1186 PHE PHE A . n 
A 1 43  ILE 43  1187 1187 ILE ILE A . n 
A 1 44  LYS 44  1188 1188 LYS LYS A . n 
A 1 45  HIS 45  1189 1189 HIS HIS A . n 
A 1 46  VAL 46  1190 1190 VAL VAL A . n 
A 1 47  LEU 47  1191 1191 LEU LEU A . n 
A 1 48  GLU 48  1192 1192 GLU GLU A . n 
A 1 49  ASP 49  1193 1193 ASP ASP A . n 
A 1 50  SER 50  1194 1194 SER SER A . n 
A 1 51  PRO 51  1195 1195 PRO PRO A . n 
A 1 52  ALA 52  1196 1196 ALA ALA A . n 
A 1 53  GLY 53  1197 1197 GLY GLY A . n 
A 1 54  LYS 54  1198 1198 LYS LYS A . n 
A 1 55  ASN 55  1199 1199 ASN ASN A . n 
A 1 56  GLY 56  1200 1200 GLY GLY A . n 
A 1 57  THR 57  1201 1201 THR THR A . n 
A 1 58  LEU 58  1202 1202 LEU LEU A . n 
A 1 59  LYS 59  1203 1203 LYS LYS A . n 
A 1 60  PRO 60  1204 1204 PRO PRO A . n 
A 1 61  GLY 61  1205 1205 GLY GLY A . n 
A 1 62  ASP 62  1206 1206 ASP ASP A . n 
A 1 63  ARG 63  1207 1207 ARG ARG A . n 
A 1 64  ILE 64  1208 1208 ILE ILE A . n 
A 1 65  VAL 65  1209 1209 VAL VAL A . n 
A 1 66  GLU 66  1210 1210 GLU GLU A . n 
A 1 67  VAL 67  1211 1211 VAL VAL A . n 
A 1 68  ASP 68  1212 1212 ASP ASP A . n 
A 1 69  GLY 69  1213 1213 GLY GLY A . n 
A 1 70  MET 70  1214 1214 MET MET A . n 
A 1 71  ASP 71  1215 1215 ASP ASP A . n 
A 1 72  LEU 72  1216 1216 LEU LEU A . n 
A 1 73  ARG 73  1217 1217 ARG ARG A . n 
A 1 74  ASP 74  1218 1218 ASP ASP A . n 
A 1 75  ALA 75  1219 1219 ALA ALA A . n 
A 1 76  SER 76  1220 1220 SER SER A . n 
A 1 77  HIS 77  1221 1221 HIS HIS A . n 
A 1 78  GLU 78  1222 1222 GLU GLU A . n 
A 1 79  GLN 79  1223 1223 GLN GLN A . n 
A 1 80  ALA 80  1224 1224 ALA ALA A . n 
A 1 81  VAL 81  1225 1225 VAL VAL A . n 
A 1 82  GLU 82  1226 1226 GLU GLU A . n 
A 1 83  ALA 83  1227 1227 ALA ALA A . n 
A 1 84  ILE 84  1228 1228 ILE ILE A . n 
A 1 85  ARG 85  1229 1229 ARG ARG A . n 
A 1 86  LYS 86  1230 1230 LYS LYS A . n 
A 1 87  ALA 87  1231 1231 ALA ALA A . n 
A 1 88  GLY 88  1232 1232 GLY GLY A . n 
A 1 89  ASN 89  1233 1233 ASN ASN A . n 
A 1 90  PRO 90  1234 1234 PRO PRO A . n 
A 1 91  VAL 91  1235 1235 VAL VAL A . n 
A 1 92  VAL 92  1236 1236 VAL VAL A . n 
A 1 93  PHE 93  1237 1237 PHE PHE A . n 
A 1 94  MET 94  1238 1238 MET MET A . n 
A 1 95  VAL 95  1239 1239 VAL VAL A . n 
A 1 96  GLN 96  1240 1240 GLN GLN A . n 
A 1 97  SER 97  1241 1241 SER SER A . n 
A 1 98  ILE 98  1242 1242 ILE ILE A . n 
A 1 99  ILE 99  1243 1243 ILE ILE A . n 
A 1 100 SER 100 1244 1244 SER SER A . n 
A 1 101 THR 101 1245 1245 THR THR A . n 
A 1 102 ARG 102 1246 1246 ARG ARG A . n 
A 1 103 LEU 103 1247 1247 LEU LEU A . n 
# 
_pdbx_SG_project.id                    1 
_pdbx_SG_project.project_name          ? 
_pdbx_SG_project.full_name_of_center   'Structural Genomics Consortium' 
_pdbx_SG_project.initial_of_center     SGC 
# 
loop_
_pdbx_nonpoly_scheme.asym_id 
_pdbx_nonpoly_scheme.entity_id 
_pdbx_nonpoly_scheme.mon_id 
_pdbx_nonpoly_scheme.ndb_seq_num 
_pdbx_nonpoly_scheme.pdb_seq_num 
_pdbx_nonpoly_scheme.auth_seq_num 
_pdbx_nonpoly_scheme.pdb_mon_id 
_pdbx_nonpoly_scheme.auth_mon_id 
_pdbx_nonpoly_scheme.pdb_strand_id 
_pdbx_nonpoly_scheme.pdb_ins_code 
B 2 HOH 1  118 118 HOH HOH A . 
B 2 HOH 2  119 119 HOH HOH A . 
B 2 HOH 3  120 120 HOH HOH A . 
B 2 HOH 4  121 121 HOH HOH A . 
B 2 HOH 5  123 123 HOH HOH A . 
B 2 HOH 6  124 124 HOH HOH A . 
B 2 HOH 7  125 125 HOH HOH A . 
B 2 HOH 8  126 126 HOH HOH A . 
B 2 HOH 9  127 127 HOH HOH A . 
B 2 HOH 10 128 128 HOH HOH A . 
B 2 HOH 11 130 130 HOH HOH A . 
B 2 HOH 12 132 132 HOH HOH A . 
B 2 HOH 13 133 133 HOH HOH A . 
B 2 HOH 14 134 134 HOH HOH A . 
B 2 HOH 15 135 135 HOH HOH A . 
B 2 HOH 16 137 137 HOH HOH A . 
B 2 HOH 17 138 138 HOH HOH A . 
B 2 HOH 18 139 139 HOH HOH A . 
B 2 HOH 19 141 141 HOH HOH A . 
B 2 HOH 20 142 142 HOH HOH A . 
B 2 HOH 21 144 144 HOH HOH A . 
B 2 HOH 22 146 146 HOH HOH A . 
B 2 HOH 23 147 147 HOH HOH A . 
B 2 HOH 24 149 149 HOH HOH A . 
B 2 HOH 25 150 150 HOH HOH A . 
B 2 HOH 26 151 151 HOH HOH A . 
B 2 HOH 27 152 152 HOH HOH A . 
B 2 HOH 28 153 153 HOH HOH A . 
B 2 HOH 29 154 154 HOH HOH A . 
B 2 HOH 30 155 155 HOH HOH A . 
B 2 HOH 31 156 156 HOH HOH A . 
B 2 HOH 32 157 157 HOH HOH A . 
B 2 HOH 33 158 158 HOH HOH A . 
B 2 HOH 34 159 159 HOH HOH A . 
B 2 HOH 35 160 160 HOH HOH A . 
B 2 HOH 36 162 162 HOH HOH A . 
B 2 HOH 37 163 163 HOH HOH A . 
B 2 HOH 38 167 167 HOH HOH A . 
B 2 HOH 39 169 169 HOH HOH A . 
# 
_pdbx_struct_assembly.id                   1 
_pdbx_struct_assembly.details              author_defined_assembly 
_pdbx_struct_assembly.method_details       ? 
_pdbx_struct_assembly.oligomeric_details   monomeric 
_pdbx_struct_assembly.oligomeric_count     1 
# 
_pdbx_struct_assembly_gen.assembly_id       1 
_pdbx_struct_assembly_gen.oper_expression   1 
_pdbx_struct_assembly_gen.asym_id_list      A,B 
# 
_pdbx_struct_oper_list.id                   1 
_pdbx_struct_oper_list.type                 'identity operation' 
_pdbx_struct_oper_list.name                 1_555 
_pdbx_struct_oper_list.symmetry_operation   x,y,z 
_pdbx_struct_oper_list.matrix[1][1]         1.0000000000 
_pdbx_struct_oper_list.matrix[1][2]         0.0000000000 
_pdbx_struct_oper_list.matrix[1][3]         0.0000000000 
_pdbx_struct_oper_list.vector[1]            0.0000000000 
_pdbx_struct_oper_list.matrix[2][1]         0.0000000000 
_pdbx_struct_oper_list.matrix[2][2]         1.0000000000 
_pdbx_struct_oper_list.matrix[2][3]         0.0000000000 
_pdbx_struct_oper_list.vector[2]            0.0000000000 
_pdbx_struct_oper_list.matrix[3][1]         0.0000000000 
_pdbx_struct_oper_list.matrix[3][2]         0.0000000000 
_pdbx_struct_oper_list.matrix[3][3]         1.0000000000 
_pdbx_struct_oper_list.vector[3]            0.0000000000 
# 
loop_
_pdbx_audit_revision_history.ordinal 
_pdbx_audit_revision_history.data_content_type 
_pdbx_audit_revision_history.major_revision 
_pdbx_audit_revision_history.minor_revision 
_pdbx_audit_revision_history.revision_date 
1 'Structure model' 1 0 2006-01-17 
2 'Structure model' 1 1 2008-05-01 
3 'Structure model' 1 2 2011-07-13 
4 'Structure model' 1 3 2023-08-30 
# 
_pdbx_audit_revision_details.ordinal             1 
_pdbx_audit_revision_details.revision_ordinal    1 
_pdbx_audit_revision_details.data_content_type   'Structure model' 
_pdbx_audit_revision_details.provider            repository 
_pdbx_audit_revision_details.type                'Initial release' 
_pdbx_audit_revision_details.description         ? 
_pdbx_audit_revision_details.details             ? 
# 
loop_
_pdbx_audit_revision_group.ordinal 
_pdbx_audit_revision_group.revision_ordinal 
_pdbx_audit_revision_group.data_content_type 
_pdbx_audit_revision_group.group 
1 2 'Structure model' 'Version format compliance' 
2 3 'Structure model' Advisory                    
3 3 'Structure model' 'Version format compliance' 
4 4 'Structure model' 'Data collection'           
5 4 'Structure model' 'Database references'       
6 4 'Structure model' 'Refinement description'    
# 
loop_
_pdbx_audit_revision_category.ordinal 
_pdbx_audit_revision_category.revision_ordinal 
_pdbx_audit_revision_category.data_content_type 
_pdbx_audit_revision_category.category 
1 4 'Structure model' chem_comp_atom                
2 4 'Structure model' chem_comp_bond                
3 4 'Structure model' database_2                    
4 4 'Structure model' pdbx_initial_refinement_model 
5 4 'Structure model' struct_ref_seq_dif            
# 
loop_
_pdbx_audit_revision_item.ordinal 
_pdbx_audit_revision_item.revision_ordinal 
_pdbx_audit_revision_item.data_content_type 
_pdbx_audit_revision_item.item 
1 4 'Structure model' '_database_2.pdbx_DOI'                
2 4 'Structure model' '_database_2.pdbx_database_accession' 
3 4 'Structure model' '_struct_ref_seq_dif.details'         
# 
_pdbx_refine_tls.id               1 
_pdbx_refine_tls.details          ? 
_pdbx_refine_tls.method           refined 
_pdbx_refine_tls.origin_x         -1.2262 
_pdbx_refine_tls.origin_y         0.2942 
_pdbx_refine_tls.origin_z         1.3351 
_pdbx_refine_tls.T[1][1]          -0.1550 
_pdbx_refine_tls.T[2][2]          -0.1813 
_pdbx_refine_tls.T[3][3]          -0.1600 
_pdbx_refine_tls.T[1][2]          -0.0442 
_pdbx_refine_tls.T[1][3]          -0.0439 
_pdbx_refine_tls.T[2][3]          0.0022 
_pdbx_refine_tls.L[1][1]          4.2179 
_pdbx_refine_tls.L[2][2]          3.4332 
_pdbx_refine_tls.L[3][3]          3.9763 
_pdbx_refine_tls.L[1][2]          0.6489 
_pdbx_refine_tls.L[1][3]          1.5191 
_pdbx_refine_tls.L[2][3]          -0.8386 
_pdbx_refine_tls.S[1][1]          -0.0548 
_pdbx_refine_tls.S[1][2]          0.2868 
_pdbx_refine_tls.S[1][3]          -0.1901 
_pdbx_refine_tls.S[2][1]          -0.1205 
_pdbx_refine_tls.S[2][2]          0.0631 
_pdbx_refine_tls.S[2][3]          -0.1426 
_pdbx_refine_tls.S[3][1]          0.2389 
_pdbx_refine_tls.S[3][2]          0.1185 
_pdbx_refine_tls.S[3][3]          -0.0083 
_pdbx_refine_tls.pdbx_refine_id   'X-RAY DIFFRACTION' 
# 
_pdbx_refine_tls_group.id                  1 
_pdbx_refine_tls_group.refine_tls_id       1 
_pdbx_refine_tls_group.beg_auth_asym_id    A 
_pdbx_refine_tls_group.beg_auth_seq_id     1148 
_pdbx_refine_tls_group.beg_label_asym_id   A 
_pdbx_refine_tls_group.beg_label_seq_id    4 
_pdbx_refine_tls_group.end_auth_asym_id    A 
_pdbx_refine_tls_group.end_auth_seq_id     1242 
_pdbx_refine_tls_group.end_label_asym_id   A 
_pdbx_refine_tls_group.end_label_seq_id    98 
_pdbx_refine_tls_group.selection           ? 
_pdbx_refine_tls_group.pdbx_refine_id      'X-RAY DIFFRACTION' 
_pdbx_refine_tls_group.selection_details   ? 
# 
loop_
_software.name 
_software.classification 
_software.version 
_software.citation_id 
_software.pdbx_ordinal 
REFMAC    refinement       5.2.0019 ? 1 
HKL-2000  'data reduction' .        ? 2 
SCALEPACK 'data scaling'   .        ? 3 
PHASER    phasing          .        ? 4 
# 
loop_
_pdbx_unobs_or_zero_occ_atoms.id 
_pdbx_unobs_or_zero_occ_atoms.PDB_model_num 
_pdbx_unobs_or_zero_occ_atoms.polymer_flag 
_pdbx_unobs_or_zero_occ_atoms.occupancy_flag 
_pdbx_unobs_or_zero_occ_atoms.auth_asym_id 
_pdbx_unobs_or_zero_occ_atoms.auth_comp_id 
_pdbx_unobs_or_zero_occ_atoms.auth_seq_id 
_pdbx_unobs_or_zero_occ_atoms.PDB_ins_code 
_pdbx_unobs_or_zero_occ_atoms.auth_atom_id 
_pdbx_unobs_or_zero_occ_atoms.label_alt_id 
_pdbx_unobs_or_zero_occ_atoms.label_asym_id 
_pdbx_unobs_or_zero_occ_atoms.label_comp_id 
_pdbx_unobs_or_zero_occ_atoms.label_seq_id 
_pdbx_unobs_or_zero_occ_atoms.label_atom_id 
1  1 Y 1 A GLN 1145 ? CG  ? A GLN 1  CG  
2  1 Y 1 A GLN 1145 ? CD  ? A GLN 1  CD  
3  1 Y 1 A GLN 1145 ? OE1 ? A GLN 1  OE1 
4  1 Y 1 A GLN 1145 ? NE2 ? A GLN 1  NE2 
5  1 Y 1 A LYS 1160 ? CG  ? A LYS 16 CG  
6  1 Y 1 A LYS 1160 ? CD  ? A LYS 16 CD  
7  1 Y 1 A LYS 1160 ? CE  ? A LYS 16 CE  
8  1 Y 1 A LYS 1160 ? NZ  ? A LYS 16 NZ  
9  1 Y 1 A ARG 1170 ? CG  ? A ARG 26 CG  
10 1 Y 1 A ARG 1170 ? CD  ? A ARG 26 CD  
11 1 Y 1 A ARG 1170 ? NE  ? A ARG 26 NE  
12 1 Y 1 A ARG 1170 ? CZ  ? A ARG 26 CZ  
13 1 Y 1 A ARG 1170 ? NH1 ? A ARG 26 NH1 
14 1 Y 1 A ARG 1170 ? NH2 ? A ARG 26 NH2 
15 1 Y 1 A GLU 1192 ? CD  ? A GLU 48 CD  
16 1 Y 1 A GLU 1192 ? OE1 ? A GLU 48 OE1 
17 1 Y 1 A GLU 1192 ? OE2 ? A GLU 48 OE2 
18 1 Y 1 A GLU 1222 ? CG  ? A GLU 78 CG  
19 1 Y 1 A GLU 1222 ? CD  ? A GLU 78 CD  
20 1 Y 1 A GLU 1222 ? OE1 ? A GLU 78 OE1 
21 1 Y 1 A GLU 1222 ? OE2 ? A GLU 78 OE2 
22 1 Y 1 A ILE 1243 ? CG1 ? A ILE 99 CG1 
23 1 Y 1 A ILE 1243 ? CG2 ? A ILE 99 CG2 
24 1 Y 1 A ILE 1243 ? CD1 ? A ILE 99 CD1 
# 
loop_
_pdbx_unobs_or_zero_occ_residues.id 
_pdbx_unobs_or_zero_occ_residues.PDB_model_num 
_pdbx_unobs_or_zero_occ_residues.polymer_flag 
_pdbx_unobs_or_zero_occ_residues.occupancy_flag 
_pdbx_unobs_or_zero_occ_residues.auth_asym_id 
_pdbx_unobs_or_zero_occ_residues.auth_comp_id 
_pdbx_unobs_or_zero_occ_residues.auth_seq_id 
_pdbx_unobs_or_zero_occ_residues.PDB_ins_code 
_pdbx_unobs_or_zero_occ_residues.label_asym_id 
_pdbx_unobs_or_zero_occ_residues.label_comp_id 
_pdbx_unobs_or_zero_occ_residues.label_seq_id 
1  1 Y 1 A SER 1159 ? A SER 15 
2  1 Y 1 A GLY 1171 ? A GLY 27 
3  1 Y 1 A MET 1172 ? A MET 28 
4  1 Y 1 A GLY 1173 ? A GLY 29 
5  1 Y 1 A SER 1174 ? A SER 30 
6  1 Y 1 A ARG 1175 ? A ARG 31 
7  1 Y 1 A LEU 1176 ? A LEU 32 
8  1 Y 1 A SER 1177 ? A SER 33 
9  1 Y 1 A ASN 1178 ? A ASN 34 
10 1 Y 1 A GLY 1179 ? A GLY 35 
11 1 Y 1 A GLU 1180 ? A GLU 36 
12 1 Y 1 A VAL 1181 ? A VAL 37 
13 1 Y 1 A MET 1182 ? A MET 38 
14 1 Y 1 A ARG 1183 ? A ARG 39 
# 
loop_
_chem_comp_atom.comp_id 
_chem_comp_atom.atom_id 
_chem_comp_atom.type_symbol 
_chem_comp_atom.pdbx_aromatic_flag 
_chem_comp_atom.pdbx_stereo_config 
_chem_comp_atom.pdbx_ordinal 
ALA N    N N N 1   
ALA CA   C N S 2   
ALA C    C N N 3   
ALA O    O N N 4   
ALA CB   C N N 5   
ALA OXT  O N N 6   
ALA H    H N N 7   
ALA H2   H N N 8   
ALA HA   H N N 9   
ALA HB1  H N N 10  
ALA HB2  H N N 11  
ALA HB3  H N N 12  
ALA HXT  H N N 13  
ARG N    N N N 14  
ARG CA   C N S 15  
ARG C    C N N 16  
ARG O    O N N 17  
ARG CB   C N N 18  
ARG CG   C N N 19  
ARG CD   C N N 20  
ARG NE   N N N 21  
ARG CZ   C N N 22  
ARG NH1  N N N 23  
ARG NH2  N N N 24  
ARG OXT  O N N 25  
ARG H    H N N 26  
ARG H2   H N N 27  
ARG HA   H N N 28  
ARG HB2  H N N 29  
ARG HB3  H N N 30  
ARG HG2  H N N 31  
ARG HG3  H N N 32  
ARG HD2  H N N 33  
ARG HD3  H N N 34  
ARG HE   H N N 35  
ARG HH11 H N N 36  
ARG HH12 H N N 37  
ARG HH21 H N N 38  
ARG HH22 H N N 39  
ARG HXT  H N N 40  
ASN N    N N N 41  
ASN CA   C N S 42  
ASN C    C N N 43  
ASN O    O N N 44  
ASN CB   C N N 45  
ASN CG   C N N 46  
ASN OD1  O N N 47  
ASN ND2  N N N 48  
ASN OXT  O N N 49  
ASN H    H N N 50  
ASN H2   H N N 51  
ASN HA   H N N 52  
ASN HB2  H N N 53  
ASN HB3  H N N 54  
ASN HD21 H N N 55  
ASN HD22 H N N 56  
ASN HXT  H N N 57  
ASP N    N N N 58  
ASP CA   C N S 59  
ASP C    C N N 60  
ASP O    O N N 61  
ASP CB   C N N 62  
ASP CG   C N N 63  
ASP OD1  O N N 64  
ASP OD2  O N N 65  
ASP OXT  O N N 66  
ASP H    H N N 67  
ASP H2   H N N 68  
ASP HA   H N N 69  
ASP HB2  H N N 70  
ASP HB3  H N N 71  
ASP HD2  H N N 72  
ASP HXT  H N N 73  
GLN N    N N N 74  
GLN CA   C N S 75  
GLN C    C N N 76  
GLN O    O N N 77  
GLN CB   C N N 78  
GLN CG   C N N 79  
GLN CD   C N N 80  
GLN OE1  O N N 81  
GLN NE2  N N N 82  
GLN OXT  O N N 83  
GLN H    H N N 84  
GLN H2   H N N 85  
GLN HA   H N N 86  
GLN HB2  H N N 87  
GLN HB3  H N N 88  
GLN HG2  H N N 89  
GLN HG3  H N N 90  
GLN HE21 H N N 91  
GLN HE22 H N N 92  
GLN HXT  H N N 93  
GLU N    N N N 94  
GLU CA   C N S 95  
GLU C    C N N 96  
GLU O    O N N 97  
GLU CB   C N N 98  
GLU CG   C N N 99  
GLU CD   C N N 100 
GLU OE1  O N N 101 
GLU OE2  O N N 102 
GLU OXT  O N N 103 
GLU H    H N N 104 
GLU H2   H N N 105 
GLU HA   H N N 106 
GLU HB2  H N N 107 
GLU HB3  H N N 108 
GLU HG2  H N N 109 
GLU HG3  H N N 110 
GLU HE2  H N N 111 
GLU HXT  H N N 112 
GLY N    N N N 113 
GLY CA   C N N 114 
GLY C    C N N 115 
GLY O    O N N 116 
GLY OXT  O N N 117 
GLY H    H N N 118 
GLY H2   H N N 119 
GLY HA2  H N N 120 
GLY HA3  H N N 121 
GLY HXT  H N N 122 
HIS N    N N N 123 
HIS CA   C N S 124 
HIS C    C N N 125 
HIS O    O N N 126 
HIS CB   C N N 127 
HIS CG   C Y N 128 
HIS ND1  N Y N 129 
HIS CD2  C Y N 130 
HIS CE1  C Y N 131 
HIS NE2  N Y N 132 
HIS OXT  O N N 133 
HIS H    H N N 134 
HIS H2   H N N 135 
HIS HA   H N N 136 
HIS HB2  H N N 137 
HIS HB3  H N N 138 
HIS HD1  H N N 139 
HIS HD2  H N N 140 
HIS HE1  H N N 141 
HIS HE2  H N N 142 
HIS HXT  H N N 143 
HOH O    O N N 144 
HOH H1   H N N 145 
HOH H2   H N N 146 
ILE N    N N N 147 
ILE CA   C N S 148 
ILE C    C N N 149 
ILE O    O N N 150 
ILE CB   C N S 151 
ILE CG1  C N N 152 
ILE CG2  C N N 153 
ILE CD1  C N N 154 
ILE OXT  O N N 155 
ILE H    H N N 156 
ILE H2   H N N 157 
ILE HA   H N N 158 
ILE HB   H N N 159 
ILE HG12 H N N 160 
ILE HG13 H N N 161 
ILE HG21 H N N 162 
ILE HG22 H N N 163 
ILE HG23 H N N 164 
ILE HD11 H N N 165 
ILE HD12 H N N 166 
ILE HD13 H N N 167 
ILE HXT  H N N 168 
LEU N    N N N 169 
LEU CA   C N S 170 
LEU C    C N N 171 
LEU O    O N N 172 
LEU CB   C N N 173 
LEU CG   C N N 174 
LEU CD1  C N N 175 
LEU CD2  C N N 176 
LEU OXT  O N N 177 
LEU H    H N N 178 
LEU H2   H N N 179 
LEU HA   H N N 180 
LEU HB2  H N N 181 
LEU HB3  H N N 182 
LEU HG   H N N 183 
LEU HD11 H N N 184 
LEU HD12 H N N 185 
LEU HD13 H N N 186 
LEU HD21 H N N 187 
LEU HD22 H N N 188 
LEU HD23 H N N 189 
LEU HXT  H N N 190 
LYS N    N N N 191 
LYS CA   C N S 192 
LYS C    C N N 193 
LYS O    O N N 194 
LYS CB   C N N 195 
LYS CG   C N N 196 
LYS CD   C N N 197 
LYS CE   C N N 198 
LYS NZ   N N N 199 
LYS OXT  O N N 200 
LYS H    H N N 201 
LYS H2   H N N 202 
LYS HA   H N N 203 
LYS HB2  H N N 204 
LYS HB3  H N N 205 
LYS HG2  H N N 206 
LYS HG3  H N N 207 
LYS HD2  H N N 208 
LYS HD3  H N N 209 
LYS HE2  H N N 210 
LYS HE3  H N N 211 
LYS HZ1  H N N 212 
LYS HZ2  H N N 213 
LYS HZ3  H N N 214 
LYS HXT  H N N 215 
MET N    N N N 216 
MET CA   C N S 217 
MET C    C N N 218 
MET O    O N N 219 
MET CB   C N N 220 
MET CG   C N N 221 
MET SD   S N N 222 
MET CE   C N N 223 
MET OXT  O N N 224 
MET H    H N N 225 
MET H2   H N N 226 
MET HA   H N N 227 
MET HB2  H N N 228 
MET HB3  H N N 229 
MET HG2  H N N 230 
MET HG3  H N N 231 
MET HE1  H N N 232 
MET HE2  H N N 233 
MET HE3  H N N 234 
MET HXT  H N N 235 
PHE N    N N N 236 
PHE CA   C N S 237 
PHE C    C N N 238 
PHE O    O N N 239 
PHE CB   C N N 240 
PHE CG   C Y N 241 
PHE CD1  C Y N 242 
PHE CD2  C Y N 243 
PHE CE1  C Y N 244 
PHE CE2  C Y N 245 
PHE CZ   C Y N 246 
PHE OXT  O N N 247 
PHE H    H N N 248 
PHE H2   H N N 249 
PHE HA   H N N 250 
PHE HB2  H N N 251 
PHE HB3  H N N 252 
PHE HD1  H N N 253 
PHE HD2  H N N 254 
PHE HE1  H N N 255 
PHE HE2  H N N 256 
PHE HZ   H N N 257 
PHE HXT  H N N 258 
PRO N    N N N 259 
PRO CA   C N S 260 
PRO C    C N N 261 
PRO O    O N N 262 
PRO CB   C N N 263 
PRO CG   C N N 264 
PRO CD   C N N 265 
PRO OXT  O N N 266 
PRO H    H N N 267 
PRO HA   H N N 268 
PRO HB2  H N N 269 
PRO HB3  H N N 270 
PRO HG2  H N N 271 
PRO HG3  H N N 272 
PRO HD2  H N N 273 
PRO HD3  H N N 274 
PRO HXT  H N N 275 
SER N    N N N 276 
SER CA   C N S 277 
SER C    C N N 278 
SER O    O N N 279 
SER CB   C N N 280 
SER OG   O N N 281 
SER OXT  O N N 282 
SER H    H N N 283 
SER H2   H N N 284 
SER HA   H N N 285 
SER HB2  H N N 286 
SER HB3  H N N 287 
SER HG   H N N 288 
SER HXT  H N N 289 
THR N    N N N 290 
THR CA   C N S 291 
THR C    C N N 292 
THR O    O N N 293 
THR CB   C N R 294 
THR OG1  O N N 295 
THR CG2  C N N 296 
THR OXT  O N N 297 
THR H    H N N 298 
THR H2   H N N 299 
THR HA   H N N 300 
THR HB   H N N 301 
THR HG1  H N N 302 
THR HG21 H N N 303 
THR HG22 H N N 304 
THR HG23 H N N 305 
THR HXT  H N N 306 
TRP N    N N N 307 
TRP CA   C N S 308 
TRP C    C N N 309 
TRP O    O N N 310 
TRP CB   C N N 311 
TRP CG   C Y N 312 
TRP CD1  C Y N 313 
TRP CD2  C Y N 314 
TRP NE1  N Y N 315 
TRP CE2  C Y N 316 
TRP CE3  C Y N 317 
TRP CZ2  C Y N 318 
TRP CZ3  C Y N 319 
TRP CH2  C Y N 320 
TRP OXT  O N N 321 
TRP H    H N N 322 
TRP H2   H N N 323 
TRP HA   H N N 324 
TRP HB2  H N N 325 
TRP HB3  H N N 326 
TRP HD1  H N N 327 
TRP HE1  H N N 328 
TRP HE3  H N N 329 
TRP HZ2  H N N 330 
TRP HZ3  H N N 331 
TRP HH2  H N N 332 
TRP HXT  H N N 333 
VAL N    N N N 334 
VAL CA   C N S 335 
VAL C    C N N 336 
VAL O    O N N 337 
VAL CB   C N N 338 
VAL CG1  C N N 339 
VAL CG2  C N N 340 
VAL OXT  O N N 341 
VAL H    H N N 342 
VAL H2   H N N 343 
VAL HA   H N N 344 
VAL HB   H N N 345 
VAL HG11 H N N 346 
VAL HG12 H N N 347 
VAL HG13 H N N 348 
VAL HG21 H N N 349 
VAL HG22 H N N 350 
VAL HG23 H N N 351 
VAL HXT  H N N 352 
# 
loop_
_chem_comp_bond.comp_id 
_chem_comp_bond.atom_id_1 
_chem_comp_bond.atom_id_2 
_chem_comp_bond.value_order 
_chem_comp_bond.pdbx_aromatic_flag 
_chem_comp_bond.pdbx_stereo_config 
_chem_comp_bond.pdbx_ordinal 
ALA N   CA   sing N N 1   
ALA N   H    sing N N 2   
ALA N   H2   sing N N 3   
ALA CA  C    sing N N 4   
ALA CA  CB   sing N N 5   
ALA CA  HA   sing N N 6   
ALA C   O    doub N N 7   
ALA C   OXT  sing N N 8   
ALA CB  HB1  sing N N 9   
ALA CB  HB2  sing N N 10  
ALA CB  HB3  sing N N 11  
ALA OXT HXT  sing N N 12  
ARG N   CA   sing N N 13  
ARG N   H    sing N N 14  
ARG N   H2   sing N N 15  
ARG CA  C    sing N N 16  
ARG CA  CB   sing N N 17  
ARG CA  HA   sing N N 18  
ARG C   O    doub N N 19  
ARG C   OXT  sing N N 20  
ARG CB  CG   sing N N 21  
ARG CB  HB2  sing N N 22  
ARG CB  HB3  sing N N 23  
ARG CG  CD   sing N N 24  
ARG CG  HG2  sing N N 25  
ARG CG  HG3  sing N N 26  
ARG CD  NE   sing N N 27  
ARG CD  HD2  sing N N 28  
ARG CD  HD3  sing N N 29  
ARG NE  CZ   sing N N 30  
ARG NE  HE   sing N N 31  
ARG CZ  NH1  sing N N 32  
ARG CZ  NH2  doub N N 33  
ARG NH1 HH11 sing N N 34  
ARG NH1 HH12 sing N N 35  
ARG NH2 HH21 sing N N 36  
ARG NH2 HH22 sing N N 37  
ARG OXT HXT  sing N N 38  
ASN N   CA   sing N N 39  
ASN N   H    sing N N 40  
ASN N   H2   sing N N 41  
ASN CA  C    sing N N 42  
ASN CA  CB   sing N N 43  
ASN CA  HA   sing N N 44  
ASN C   O    doub N N 45  
ASN C   OXT  sing N N 46  
ASN CB  CG   sing N N 47  
ASN CB  HB2  sing N N 48  
ASN CB  HB3  sing N N 49  
ASN CG  OD1  doub N N 50  
ASN CG  ND2  sing N N 51  
ASN ND2 HD21 sing N N 52  
ASN ND2 HD22 sing N N 53  
ASN OXT HXT  sing N N 54  
ASP N   CA   sing N N 55  
ASP N   H    sing N N 56  
ASP N   H2   sing N N 57  
ASP CA  C    sing N N 58  
ASP CA  CB   sing N N 59  
ASP CA  HA   sing N N 60  
ASP C   O    doub N N 61  
ASP C   OXT  sing N N 62  
ASP CB  CG   sing N N 63  
ASP CB  HB2  sing N N 64  
ASP CB  HB3  sing N N 65  
ASP CG  OD1  doub N N 66  
ASP CG  OD2  sing N N 67  
ASP OD2 HD2  sing N N 68  
ASP OXT HXT  sing N N 69  
GLN N   CA   sing N N 70  
GLN N   H    sing N N 71  
GLN N   H2   sing N N 72  
GLN CA  C    sing N N 73  
GLN CA  CB   sing N N 74  
GLN CA  HA   sing N N 75  
GLN C   O    doub N N 76  
GLN C   OXT  sing N N 77  
GLN CB  CG   sing N N 78  
GLN CB  HB2  sing N N 79  
GLN CB  HB3  sing N N 80  
GLN CG  CD   sing N N 81  
GLN CG  HG2  sing N N 82  
GLN CG  HG3  sing N N 83  
GLN CD  OE1  doub N N 84  
GLN CD  NE2  sing N N 85  
GLN NE2 HE21 sing N N 86  
GLN NE2 HE22 sing N N 87  
GLN OXT HXT  sing N N 88  
GLU N   CA   sing N N 89  
GLU N   H    sing N N 90  
GLU N   H2   sing N N 91  
GLU CA  C    sing N N 92  
GLU CA  CB   sing N N 93  
GLU CA  HA   sing N N 94  
GLU C   O    doub N N 95  
GLU C   OXT  sing N N 96  
GLU CB  CG   sing N N 97  
GLU CB  HB2  sing N N 98  
GLU CB  HB3  sing N N 99  
GLU CG  CD   sing N N 100 
GLU CG  HG2  sing N N 101 
GLU CG  HG3  sing N N 102 
GLU CD  OE1  doub N N 103 
GLU CD  OE2  sing N N 104 
GLU OE2 HE2  sing N N 105 
GLU OXT HXT  sing N N 106 
GLY N   CA   sing N N 107 
GLY N   H    sing N N 108 
GLY N   H2   sing N N 109 
GLY CA  C    sing N N 110 
GLY CA  HA2  sing N N 111 
GLY CA  HA3  sing N N 112 
GLY C   O    doub N N 113 
GLY C   OXT  sing N N 114 
GLY OXT HXT  sing N N 115 
HIS N   CA   sing N N 116 
HIS N   H    sing N N 117 
HIS N   H2   sing N N 118 
HIS CA  C    sing N N 119 
HIS CA  CB   sing N N 120 
HIS CA  HA   sing N N 121 
HIS C   O    doub N N 122 
HIS C   OXT  sing N N 123 
HIS CB  CG   sing N N 124 
HIS CB  HB2  sing N N 125 
HIS CB  HB3  sing N N 126 
HIS CG  ND1  sing Y N 127 
HIS CG  CD2  doub Y N 128 
HIS ND1 CE1  doub Y N 129 
HIS ND1 HD1  sing N N 130 
HIS CD2 NE2  sing Y N 131 
HIS CD2 HD2  sing N N 132 
HIS CE1 NE2  sing Y N 133 
HIS CE1 HE1  sing N N 134 
HIS NE2 HE2  sing N N 135 
HIS OXT HXT  sing N N 136 
HOH O   H1   sing N N 137 
HOH O   H2   sing N N 138 
ILE N   CA   sing N N 139 
ILE N   H    sing N N 140 
ILE N   H2   sing N N 141 
ILE CA  C    sing N N 142 
ILE CA  CB   sing N N 143 
ILE CA  HA   sing N N 144 
ILE C   O    doub N N 145 
ILE C   OXT  sing N N 146 
ILE CB  CG1  sing N N 147 
ILE CB  CG2  sing N N 148 
ILE CB  HB   sing N N 149 
ILE CG1 CD1  sing N N 150 
ILE CG1 HG12 sing N N 151 
ILE CG1 HG13 sing N N 152 
ILE CG2 HG21 sing N N 153 
ILE CG2 HG22 sing N N 154 
ILE CG2 HG23 sing N N 155 
ILE CD1 HD11 sing N N 156 
ILE CD1 HD12 sing N N 157 
ILE CD1 HD13 sing N N 158 
ILE OXT HXT  sing N N 159 
LEU N   CA   sing N N 160 
LEU N   H    sing N N 161 
LEU N   H2   sing N N 162 
LEU CA  C    sing N N 163 
LEU CA  CB   sing N N 164 
LEU CA  HA   sing N N 165 
LEU C   O    doub N N 166 
LEU C   OXT  sing N N 167 
LEU CB  CG   sing N N 168 
LEU CB  HB2  sing N N 169 
LEU CB  HB3  sing N N 170 
LEU CG  CD1  sing N N 171 
LEU CG  CD2  sing N N 172 
LEU CG  HG   sing N N 173 
LEU CD1 HD11 sing N N 174 
LEU CD1 HD12 sing N N 175 
LEU CD1 HD13 sing N N 176 
LEU CD2 HD21 sing N N 177 
LEU CD2 HD22 sing N N 178 
LEU CD2 HD23 sing N N 179 
LEU OXT HXT  sing N N 180 
LYS N   CA   sing N N 181 
LYS N   H    sing N N 182 
LYS N   H2   sing N N 183 
LYS CA  C    sing N N 184 
LYS CA  CB   sing N N 185 
LYS CA  HA   sing N N 186 
LYS C   O    doub N N 187 
LYS C   OXT  sing N N 188 
LYS CB  CG   sing N N 189 
LYS CB  HB2  sing N N 190 
LYS CB  HB3  sing N N 191 
LYS CG  CD   sing N N 192 
LYS CG  HG2  sing N N 193 
LYS CG  HG3  sing N N 194 
LYS CD  CE   sing N N 195 
LYS CD  HD2  sing N N 196 
LYS CD  HD3  sing N N 197 
LYS CE  NZ   sing N N 198 
LYS CE  HE2  sing N N 199 
LYS CE  HE3  sing N N 200 
LYS NZ  HZ1  sing N N 201 
LYS NZ  HZ2  sing N N 202 
LYS NZ  HZ3  sing N N 203 
LYS OXT HXT  sing N N 204 
MET N   CA   sing N N 205 
MET N   H    sing N N 206 
MET N   H2   sing N N 207 
MET CA  C    sing N N 208 
MET CA  CB   sing N N 209 
MET CA  HA   sing N N 210 
MET C   O    doub N N 211 
MET C   OXT  sing N N 212 
MET CB  CG   sing N N 213 
MET CB  HB2  sing N N 214 
MET CB  HB3  sing N N 215 
MET CG  SD   sing N N 216 
MET CG  HG2  sing N N 217 
MET CG  HG3  sing N N 218 
MET SD  CE   sing N N 219 
MET CE  HE1  sing N N 220 
MET CE  HE2  sing N N 221 
MET CE  HE3  sing N N 222 
MET OXT HXT  sing N N 223 
PHE N   CA   sing N N 224 
PHE N   H    sing N N 225 
PHE N   H2   sing N N 226 
PHE CA  C    sing N N 227 
PHE CA  CB   sing N N 228 
PHE CA  HA   sing N N 229 
PHE C   O    doub N N 230 
PHE C   OXT  sing N N 231 
PHE CB  CG   sing N N 232 
PHE CB  HB2  sing N N 233 
PHE CB  HB3  sing N N 234 
PHE CG  CD1  doub Y N 235 
PHE CG  CD2  sing Y N 236 
PHE CD1 CE1  sing Y N 237 
PHE CD1 HD1  sing N N 238 
PHE CD2 CE2  doub Y N 239 
PHE CD2 HD2  sing N N 240 
PHE CE1 CZ   doub Y N 241 
PHE CE1 HE1  sing N N 242 
PHE CE2 CZ   sing Y N 243 
PHE CE2 HE2  sing N N 244 
PHE CZ  HZ   sing N N 245 
PHE OXT HXT  sing N N 246 
PRO N   CA   sing N N 247 
PRO N   CD   sing N N 248 
PRO N   H    sing N N 249 
PRO CA  C    sing N N 250 
PRO CA  CB   sing N N 251 
PRO CA  HA   sing N N 252 
PRO C   O    doub N N 253 
PRO C   OXT  sing N N 254 
PRO CB  CG   sing N N 255 
PRO CB  HB2  sing N N 256 
PRO CB  HB3  sing N N 257 
PRO CG  CD   sing N N 258 
PRO CG  HG2  sing N N 259 
PRO CG  HG3  sing N N 260 
PRO CD  HD2  sing N N 261 
PRO CD  HD3  sing N N 262 
PRO OXT HXT  sing N N 263 
SER N   CA   sing N N 264 
SER N   H    sing N N 265 
SER N   H2   sing N N 266 
SER CA  C    sing N N 267 
SER CA  CB   sing N N 268 
SER CA  HA   sing N N 269 
SER C   O    doub N N 270 
SER C   OXT  sing N N 271 
SER CB  OG   sing N N 272 
SER CB  HB2  sing N N 273 
SER CB  HB3  sing N N 274 
SER OG  HG   sing N N 275 
SER OXT HXT  sing N N 276 
THR N   CA   sing N N 277 
THR N   H    sing N N 278 
THR N   H2   sing N N 279 
THR CA  C    sing N N 280 
THR CA  CB   sing N N 281 
THR CA  HA   sing N N 282 
THR C   O    doub N N 283 
THR C   OXT  sing N N 284 
THR CB  OG1  sing N N 285 
THR CB  CG2  sing N N 286 
THR CB  HB   sing N N 287 
THR OG1 HG1  sing N N 288 
THR CG2 HG21 sing N N 289 
THR CG2 HG22 sing N N 290 
THR CG2 HG23 sing N N 291 
THR OXT HXT  sing N N 292 
TRP N   CA   sing N N 293 
TRP N   H    sing N N 294 
TRP N   H2   sing N N 295 
TRP CA  C    sing N N 296 
TRP CA  CB   sing N N 297 
TRP CA  HA   sing N N 298 
TRP C   O    doub N N 299 
TRP C   OXT  sing N N 300 
TRP CB  CG   sing N N 301 
TRP CB  HB2  sing N N 302 
TRP CB  HB3  sing N N 303 
TRP CG  CD1  doub Y N 304 
TRP CG  CD2  sing Y N 305 
TRP CD1 NE1  sing Y N 306 
TRP CD1 HD1  sing N N 307 
TRP CD2 CE2  doub Y N 308 
TRP CD2 CE3  sing Y N 309 
TRP NE1 CE2  sing Y N 310 
TRP NE1 HE1  sing N N 311 
TRP CE2 CZ2  sing Y N 312 
TRP CE3 CZ3  doub Y N 313 
TRP CE3 HE3  sing N N 314 
TRP CZ2 CH2  doub Y N 315 
TRP CZ2 HZ2  sing N N 316 
TRP CZ3 CH2  sing Y N 317 
TRP CZ3 HZ3  sing N N 318 
TRP CH2 HH2  sing N N 319 
TRP OXT HXT  sing N N 320 
VAL N   CA   sing N N 321 
VAL N   H    sing N N 322 
VAL N   H2   sing N N 323 
VAL CA  C    sing N N 324 
VAL CA  CB   sing N N 325 
VAL CA  HA   sing N N 326 
VAL C   O    doub N N 327 
VAL C   OXT  sing N N 328 
VAL CB  CG1  sing N N 329 
VAL CB  CG2  sing N N 330 
VAL CB  HB   sing N N 331 
VAL CG1 HG11 sing N N 332 
VAL CG1 HG12 sing N N 333 
VAL CG1 HG13 sing N N 334 
VAL CG2 HG21 sing N N 335 
VAL CG2 HG22 sing N N 336 
VAL CG2 HG23 sing N N 337 
VAL OXT HXT  sing N N 338 
# 
_pdbx_entity_nonpoly.entity_id   2 
_pdbx_entity_nonpoly.name        water 
_pdbx_entity_nonpoly.comp_id     HOH 
# 
_pdbx_initial_refinement_model.id               1 
_pdbx_initial_refinement_model.entity_id_list   ? 
_pdbx_initial_refinement_model.type             'experimental model' 
_pdbx_initial_refinement_model.source_name      PDB 
_pdbx_initial_refinement_model.accession_code   1N7F 
_pdbx_initial_refinement_model.details          ? 
# 
